data_8PLS
#
_entry.id   8PLS
#
_cell.length_a   62.242
_cell.length_b   103.710
_cell.length_c   134.470
_cell.angle_alpha   90.000
_cell.angle_beta   91.840
_cell.angle_gamma   90.000
#
_symmetry.space_group_name_H-M   'P 1 21 1'
#
loop_
_entity.id
_entity.type
_entity.pdbx_description
1 polymer 'Thioredoxin glutathione reductase'
2 non-polymer 'FLAVIN-ADENINE DINUCLEOTIDE'
3 non-polymer 1~{H}-indol-6-yl-(4-methylpiperazin-1-yl)methanone
4 water water
#
_entity_poly.entity_id   1
_entity_poly.type   'polypeptide(L)'
_entity_poly.pdbx_seq_one_letter_code
;GPPPADGTSQWLRKTVDSAAVILFSKTTCPYCKKVKDVLAEAKIKHATIELDQLSNGSAIQKCLASFSKIETVPQMFVRG
KFIGDSQTVLKYYSNDELAGIVNESKYDYDLIVIGGGSGGLAAGKEAAKYGAKTAVLDYVEPTPIGTTWGLGGTCVNVGC
IPKKLMHQAGLLSHALEDAEHFGWSLDRSKISHNWSTMVEGVQSHIGSLNWGYKVALRDNQVTYLNAKGRLISPHEVQIT
DKNQKVSTITGNKIILATGERPKYPEIPGAVEYGITSDDLFSLPYFPGKTLVIGASYVALECAGFLASLGGDVTVMVRSI
LLRGFDQQMAEKVGDYMENHGVKFAKLCVPDEIKQLKVVDTENNKPGLLLVKGHYTDGKKFEEEFETVIFAVGREPQLSK
VLCETVGVKLDKNGRVVCTDDEQTTVSNVYAIGDINAGKPQLTPVAIQAGRYLARRLFAGATELTDYSNVATTVFTPLEY
GACGLSEEDAIEKYGDKDIEVYHSNFKPLEWTVAHREDNVCYMKLVCRKSDNMRVLGLHVLGPNAGEITQGYAVAIKMGA
TKADFDRTIGIHPTCSETFTTLHVTKKSGVSPIVSGC
;
_entity_poly.pdbx_strand_id   A,B
#
# COMPACT_ATOMS: atom_id res chain seq x y z
N GLY A 7 -12.06 12.76 22.17
CA GLY A 7 -12.91 12.19 23.19
C GLY A 7 -13.75 11.06 22.60
N THR A 8 -14.89 11.43 22.01
CA THR A 8 -15.63 10.49 21.18
C THR A 8 -14.78 10.03 19.99
N SER A 9 -14.02 10.95 19.40
CA SER A 9 -13.26 10.62 18.20
C SER A 9 -12.11 9.66 18.50
N GLN A 10 -11.52 9.73 19.70
CA GLN A 10 -10.48 8.76 20.03
C GLN A 10 -11.05 7.37 20.28
N TRP A 11 -12.26 7.29 20.84
CA TRP A 11 -12.93 6.00 21.01
C TRP A 11 -13.24 5.37 19.65
N LEU A 12 -13.79 6.15 18.72
CA LEU A 12 -14.17 5.57 17.44
C LEU A 12 -12.96 5.03 16.70
N ARG A 13 -11.85 5.77 16.76
CA ARG A 13 -10.63 5.34 16.07
C ARG A 13 -10.08 4.04 16.68
N LYS A 14 -10.10 3.93 18.00
CA LYS A 14 -9.63 2.70 18.63
C LYS A 14 -10.55 1.54 18.28
N THR A 15 -11.86 1.78 18.26
CA THR A 15 -12.82 0.73 17.95
C THR A 15 -12.68 0.24 16.51
N VAL A 16 -12.57 1.17 15.56
CA VAL A 16 -12.46 0.76 14.16
C VAL A 16 -11.16 0.02 13.89
N ASP A 17 -10.05 0.46 14.51
CA ASP A 17 -8.75 -0.15 14.21
C ASP A 17 -8.67 -1.60 14.65
N SER A 18 -9.31 -1.95 15.78
CA SER A 18 -9.11 -3.28 16.35
C SER A 18 -10.27 -4.24 16.17
N ALA A 19 -11.47 -3.76 15.87
CA ALA A 19 -12.57 -4.69 15.56
C ALA A 19 -12.22 -5.53 14.33
N ALA A 20 -12.58 -6.81 14.37
CA ALA A 20 -12.37 -7.68 13.21
C ALA A 20 -13.39 -7.40 12.12
N VAL A 21 -14.68 -7.43 12.48
CA VAL A 21 -15.79 -7.13 11.56
C VAL A 21 -16.85 -6.39 12.38
N ILE A 22 -17.20 -5.17 11.97
CA ILE A 22 -18.15 -4.37 12.74
C ILE A 22 -19.09 -3.60 11.82
N LEU A 23 -20.35 -3.52 12.23
CA LEU A 23 -21.42 -2.86 11.48
C LEU A 23 -21.96 -1.71 12.32
N PHE A 24 -21.95 -0.51 11.75
CA PHE A 24 -22.58 0.65 12.39
C PHE A 24 -23.99 0.81 11.84
N SER A 25 -24.98 0.88 12.74
CA SER A 25 -26.36 0.56 12.41
C SER A 25 -27.29 1.43 13.23
N LYS A 26 -28.58 1.41 12.84
CA LYS A 26 -29.68 1.88 13.67
C LYS A 26 -30.81 0.87 13.65
N THR A 27 -31.49 0.72 14.80
CA THR A 27 -32.54 -0.29 14.94
C THR A 27 -33.67 -0.06 13.95
N THR A 28 -33.91 1.19 13.57
CA THR A 28 -35.06 1.57 12.77
C THR A 28 -34.88 1.36 11.27
N CYS A 29 -33.64 1.14 10.82
CA CYS A 29 -33.31 1.30 9.40
C CYS A 29 -33.46 -0.02 8.66
N PRO A 30 -34.29 -0.09 7.60
CA PRO A 30 -34.40 -1.34 6.84
C PRO A 30 -33.20 -1.63 5.95
N TYR A 31 -32.42 -0.61 5.56
CA TYR A 31 -31.18 -0.89 4.86
C TYR A 31 -30.17 -1.57 5.78
N CYS A 32 -30.15 -1.18 7.06
CA CYS A 32 -29.32 -1.88 8.02
C CYS A 32 -29.81 -3.31 8.22
N LYS A 33 -31.12 -3.51 8.28
CA LYS A 33 -31.66 -4.86 8.42
C LYS A 33 -31.30 -5.73 7.21
N LYS A 34 -31.31 -5.14 6.01
CA LYS A 34 -30.93 -5.90 4.82
C LYS A 34 -29.49 -6.36 4.89
N VAL A 35 -28.59 -5.51 5.41
CA VAL A 35 -27.19 -5.90 5.51
C VAL A 35 -27.01 -6.96 6.59
N LYS A 36 -27.70 -6.80 7.73
CA LYS A 36 -27.65 -7.82 8.77
C LYS A 36 -28.05 -9.18 8.23
N ASP A 37 -29.12 -9.23 7.43
CA ASP A 37 -29.63 -10.48 6.89
C ASP A 37 -28.65 -11.14 5.92
N VAL A 38 -27.92 -10.34 5.12
CA VAL A 38 -26.92 -10.92 4.24
C VAL A 38 -25.75 -11.48 5.03
N LEU A 39 -25.29 -10.77 6.07
CA LEU A 39 -24.17 -11.24 6.86
C LEU A 39 -24.51 -12.56 7.56
N ALA A 40 -25.74 -12.69 8.07
CA ALA A 40 -26.17 -13.92 8.71
C ALA A 40 -26.18 -15.09 7.73
N GLU A 41 -26.69 -14.87 6.50
CA GLU A 41 -26.81 -15.95 5.54
C GLU A 41 -25.45 -16.48 5.10
N ALA A 42 -24.43 -15.62 5.06
CA ALA A 42 -23.08 -16.03 4.71
C ALA A 42 -22.28 -16.52 5.91
N LYS A 43 -22.92 -16.62 7.09
CA LYS A 43 -22.26 -17.10 8.32
C LYS A 43 -21.06 -16.23 8.67
N ILE A 44 -21.25 -14.91 8.60
CA ILE A 44 -20.21 -13.94 8.92
C ILE A 44 -20.56 -13.32 10.26
N LYS A 45 -19.82 -13.70 11.31
CA LYS A 45 -20.03 -13.12 12.63
C LYS A 45 -19.37 -11.75 12.71
N HIS A 46 -19.99 -10.85 13.48
CA HIS A 46 -19.60 -9.45 13.52
C HIS A 46 -20.18 -8.77 14.75
N ALA A 47 -19.48 -7.74 15.22
CA ALA A 47 -20.04 -6.83 16.22
C ALA A 47 -21.00 -5.84 15.54
N THR A 48 -21.92 -5.30 16.33
CA THR A 48 -22.88 -4.31 15.87
C THR A 48 -23.01 -3.22 16.91
N ILE A 49 -23.00 -1.97 16.46
CA ILE A 49 -23.19 -0.81 17.33
C ILE A 49 -24.40 -0.03 16.82
N GLU A 50 -25.44 0.05 17.64
CA GLU A 50 -26.70 0.71 17.27
C GLU A 50 -26.64 2.17 17.69
N LEU A 51 -26.43 3.07 16.70
CA LEU A 51 -26.16 4.46 17.01
C LEU A 51 -27.33 5.14 17.73
N ASP A 52 -28.55 4.68 17.49
CA ASP A 52 -29.73 5.30 18.11
C ASP A 52 -29.96 4.85 19.55
N GLN A 53 -29.15 3.92 20.08
CA GLN A 53 -29.21 3.52 21.48
C GLN A 53 -28.16 4.21 22.34
N LEU A 54 -27.28 5.02 21.74
CA LEU A 54 -26.24 5.71 22.47
C LEU A 54 -26.54 7.20 22.51
N SER A 55 -26.24 7.83 23.65
CA SER A 55 -26.66 9.21 23.86
C SER A 55 -25.86 10.21 23.04
N ASN A 56 -24.69 9.83 22.54
CA ASN A 56 -23.96 10.68 21.61
C ASN A 56 -23.77 9.99 20.25
N GLY A 57 -24.81 9.28 19.80
CA GLY A 57 -24.75 8.65 18.50
C GLY A 57 -24.63 9.65 17.35
N SER A 58 -25.14 10.86 17.55
CA SER A 58 -25.05 11.88 16.51
C SER A 58 -23.61 12.31 16.28
N ALA A 59 -22.84 12.50 17.35
CA ALA A 59 -21.42 12.78 17.21
C ALA A 59 -20.69 11.63 16.53
N ILE A 60 -21.00 10.39 16.92
CA ILE A 60 -20.31 9.23 16.34
C ILE A 60 -20.57 9.16 14.84
N GLN A 61 -21.83 9.36 14.44
CA GLN A 61 -22.19 9.29 13.03
C GLN A 61 -21.38 10.31 12.22
N LYS A 62 -21.27 11.55 12.72
CA LYS A 62 -20.46 12.55 12.04
C LYS A 62 -18.99 12.14 12.00
N CYS A 63 -18.49 11.55 13.08
CA CYS A 63 -17.08 11.17 13.13
C CYS A 63 -16.75 10.04 12.15
N LEU A 64 -17.70 9.13 11.90
CA LEU A 64 -17.46 8.06 10.93
C LEU A 64 -17.02 8.61 9.58
N ALA A 65 -17.49 9.81 9.21
CA ALA A 65 -17.13 10.36 7.90
C ALA A 65 -15.64 10.56 7.76
N SER A 66 -14.92 10.77 8.87
CA SER A 66 -13.47 10.87 8.82
C SER A 66 -12.83 9.59 8.31
N PHE A 67 -13.53 8.46 8.40
CA PHE A 67 -13.04 7.17 7.92
C PHE A 67 -13.58 6.79 6.54
N SER A 68 -14.87 7.04 6.30
CA SER A 68 -15.57 6.52 5.13
C SER A 68 -15.92 7.56 4.09
N LYS A 69 -15.87 8.84 4.45
CA LYS A 69 -16.34 9.98 3.66
C LYS A 69 -17.85 10.03 3.55
N ILE A 70 -18.59 9.25 4.35
CA ILE A 70 -20.05 9.33 4.37
C ILE A 70 -20.53 9.40 5.81
N GLU A 71 -21.77 9.88 5.97
CA GLU A 71 -22.35 10.17 7.28
C GLU A 71 -23.65 9.40 7.54
N THR A 72 -23.92 8.36 6.76
CA THR A 72 -25.15 7.58 6.87
C THR A 72 -24.86 6.21 7.48
N VAL A 73 -25.93 5.50 7.81
CA VAL A 73 -25.86 4.09 8.21
C VAL A 73 -26.60 3.27 7.16
N PRO A 74 -26.21 2.01 6.90
CA PRO A 74 -25.14 1.22 7.54
C PRO A 74 -23.74 1.54 7.04
N GLN A 75 -22.73 1.29 7.86
CA GLN A 75 -21.34 1.28 7.44
C GLN A 75 -20.68 0.03 8.00
N MET A 76 -20.02 -0.73 7.13
CA MET A 76 -19.34 -1.96 7.52
C MET A 76 -17.83 -1.80 7.40
N PHE A 77 -17.10 -2.23 8.44
CA PHE A 77 -15.65 -2.16 8.48
C PHE A 77 -15.07 -3.55 8.72
N VAL A 78 -13.90 -3.81 8.14
CA VAL A 78 -13.17 -5.06 8.35
C VAL A 78 -11.73 -4.70 8.69
N ARG A 79 -11.30 -5.04 9.91
CA ARG A 79 -9.90 -4.90 10.32
C ARG A 79 -9.35 -3.52 10.02
N GLY A 80 -10.16 -2.50 10.30
CA GLY A 80 -9.71 -1.12 10.19
C GLY A 80 -10.03 -0.44 8.87
N LYS A 81 -10.61 -1.15 7.92
CA LYS A 81 -10.84 -0.62 6.58
C LYS A 81 -12.34 -0.53 6.30
N PHE A 82 -12.79 0.65 5.84
CA PHE A 82 -14.17 0.82 5.39
C PHE A 82 -14.41 -0.03 4.15
N ILE A 83 -15.46 -0.84 4.21
CA ILE A 83 -15.80 -1.76 3.14
C ILE A 83 -16.94 -1.23 2.27
N GLY A 84 -18.01 -0.73 2.87
CA GLY A 84 -19.04 -0.13 2.06
C GLY A 84 -20.30 0.16 2.82
N ASP A 85 -21.21 0.84 2.13
CA ASP A 85 -22.60 1.02 2.54
C ASP A 85 -23.44 -0.17 2.03
N SER A 86 -24.77 -0.02 2.05
CA SER A 86 -25.67 -1.11 1.66
C SER A 86 -25.43 -1.55 0.23
N GLN A 87 -25.51 -0.61 -0.73
CA GLN A 87 -25.38 -0.99 -2.14
C GLN A 87 -24.06 -1.72 -2.38
N THR A 88 -22.99 -1.27 -1.72
CA THR A 88 -21.67 -1.85 -1.97
C THR A 88 -21.52 -3.23 -1.36
N VAL A 89 -22.03 -3.44 -0.14
CA VAL A 89 -21.95 -4.78 0.45
C VAL A 89 -22.73 -5.80 -0.37
N LEU A 90 -23.96 -5.44 -0.79
CA LEU A 90 -24.76 -6.37 -1.59
C LEU A 90 -24.09 -6.68 -2.92
N LYS A 91 -23.43 -5.69 -3.52
CA LYS A 91 -22.65 -5.91 -4.74
C LYS A 91 -21.58 -6.99 -4.53
N TYR A 92 -20.83 -6.88 -3.42
CA TYR A 92 -19.81 -7.88 -3.13
C TYR A 92 -20.43 -9.25 -2.92
N TYR A 93 -21.60 -9.28 -2.27
CA TYR A 93 -22.30 -10.55 -2.02
C TYR A 93 -22.69 -11.25 -3.32
N SER A 94 -23.43 -10.57 -4.19
CA SER A 94 -23.91 -11.23 -5.39
C SER A 94 -22.81 -11.50 -6.41
N ASN A 95 -21.64 -10.87 -6.27
CA ASN A 95 -20.50 -11.20 -7.10
C ASN A 95 -19.55 -12.21 -6.45
N ASP A 96 -19.93 -12.78 -5.31
CA ASP A 96 -19.12 -13.78 -4.60
C ASP A 96 -17.73 -13.22 -4.24
N GLU A 97 -17.69 -11.92 -3.92
CA GLU A 97 -16.46 -11.26 -3.51
C GLU A 97 -16.39 -11.05 -1.99
N LEU A 98 -17.52 -11.20 -1.29
CA LEU A 98 -17.59 -10.81 0.12
C LEU A 98 -16.74 -11.71 1.00
N ALA A 99 -16.86 -13.03 0.83
CA ALA A 99 -16.12 -13.96 1.68
C ALA A 99 -14.62 -13.64 1.70
N GLY A 100 -14.04 -13.37 0.53
CA GLY A 100 -12.61 -13.07 0.48
C GLY A 100 -12.25 -11.75 1.14
N ILE A 101 -13.17 -10.78 1.09
CA ILE A 101 -12.94 -9.48 1.71
C ILE A 101 -12.88 -9.61 3.22
N VAL A 102 -13.86 -10.30 3.82
CA VAL A 102 -13.93 -10.41 5.28
C VAL A 102 -12.85 -11.31 5.86
N ASN A 103 -12.18 -12.10 5.02
CA ASN A 103 -11.11 -12.97 5.47
C ASN A 103 -9.73 -12.41 5.19
N GLU A 104 -9.63 -11.19 4.67
CA GLU A 104 -8.35 -10.55 4.41
C GLU A 104 -7.70 -10.13 5.72
N SER A 105 -6.45 -10.57 5.94
CA SER A 105 -5.76 -10.17 7.16
C SER A 105 -4.24 -10.19 6.98
N LYS A 106 -3.59 -9.20 7.59
CA LYS A 106 -2.14 -9.21 7.77
C LYS A 106 -1.65 -10.42 8.56
N TYR A 107 -2.52 -11.03 9.38
CA TYR A 107 -2.13 -12.02 10.37
C TYR A 107 -2.94 -13.29 10.19
N ASP A 108 -2.41 -14.41 10.70
CA ASP A 108 -3.18 -15.66 10.68
C ASP A 108 -4.46 -15.53 11.51
N TYR A 109 -4.38 -14.84 12.66
CA TYR A 109 -5.50 -14.74 13.60
C TYR A 109 -5.68 -13.32 14.09
N ASP A 110 -6.93 -12.94 14.36
CA ASP A 110 -7.18 -11.69 15.06
C ASP A 110 -6.73 -11.75 16.51
N LEU A 111 -6.81 -12.93 17.12
CA LEU A 111 -6.47 -13.10 18.55
C LEU A 111 -5.80 -14.46 18.73
N ILE A 112 -4.66 -14.48 19.43
CA ILE A 112 -4.08 -15.72 19.91
C ILE A 112 -4.09 -15.67 21.43
N VAL A 113 -4.70 -16.68 22.07
CA VAL A 113 -4.67 -16.84 23.52
C VAL A 113 -3.67 -17.93 23.88
N ILE A 114 -2.65 -17.59 24.68
CA ILE A 114 -1.71 -18.58 25.17
C ILE A 114 -2.18 -19.03 26.54
N GLY A 115 -2.75 -20.24 26.62
CA GLY A 115 -3.23 -20.80 27.88
C GLY A 115 -4.72 -21.07 27.88
N GLY A 116 -5.10 -22.32 28.12
CA GLY A 116 -6.49 -22.72 28.00
C GLY A 116 -7.18 -23.00 29.33
N GLY A 117 -7.10 -22.03 30.25
CA GLY A 117 -7.69 -22.14 31.56
C GLY A 117 -8.88 -21.22 31.74
N SER A 118 -9.15 -20.90 33.02
CA SER A 118 -10.31 -20.08 33.37
C SER A 118 -10.38 -18.78 32.55
N GLY A 119 -9.29 -18.00 32.54
CA GLY A 119 -9.33 -16.73 31.83
C GLY A 119 -9.24 -16.90 30.32
N GLY A 120 -8.33 -17.77 29.87
CA GLY A 120 -8.06 -17.90 28.44
C GLY A 120 -9.26 -18.45 27.68
N LEU A 121 -9.88 -19.50 28.20
CA LEU A 121 -11.08 -20.02 27.55
C LEU A 121 -12.19 -18.98 27.52
N ALA A 122 -12.37 -18.23 28.61
CA ALA A 122 -13.43 -17.22 28.63
C ALA A 122 -13.17 -16.12 27.61
N ALA A 123 -11.92 -15.63 27.53
CA ALA A 123 -11.60 -14.58 26.57
C ALA A 123 -11.77 -15.07 25.14
N GLY A 124 -11.31 -16.28 24.86
CA GLY A 124 -11.34 -16.76 23.48
C GLY A 124 -12.76 -16.95 22.97
N LYS A 125 -13.65 -17.51 23.81
CA LYS A 125 -15.02 -17.75 23.37
C LYS A 125 -15.75 -16.44 23.16
N GLU A 126 -15.53 -15.47 24.04
CA GLU A 126 -16.20 -14.18 23.88
C GLU A 126 -15.73 -13.44 22.63
N ALA A 127 -14.43 -13.49 22.32
CA ALA A 127 -13.93 -12.77 21.15
C ALA A 127 -14.51 -13.34 19.86
N ALA A 128 -14.57 -14.66 19.76
CA ALA A 128 -15.11 -15.31 18.57
C ALA A 128 -16.56 -14.91 18.31
N LYS A 129 -17.31 -14.58 19.36
CA LYS A 129 -18.70 -14.15 19.18
C LYS A 129 -18.83 -12.90 18.33
N TYR A 130 -17.81 -12.04 18.31
CA TYR A 130 -17.87 -10.82 17.50
C TYR A 130 -17.06 -10.94 16.21
N GLY A 131 -16.77 -12.15 15.77
CA GLY A 131 -16.15 -12.33 14.48
C GLY A 131 -14.63 -12.33 14.47
N ALA A 132 -13.98 -12.25 15.64
CA ALA A 132 -12.54 -12.36 15.68
C ALA A 132 -12.13 -13.80 15.38
N LYS A 133 -11.23 -13.97 14.42
CA LYS A 133 -10.68 -15.29 14.13
C LYS A 133 -9.67 -15.64 15.22
N THR A 134 -9.95 -16.70 15.99
CA THR A 134 -9.32 -16.91 17.29
C THR A 134 -8.66 -18.28 17.39
N ALA A 135 -7.48 -18.32 18.00
CA ALA A 135 -6.82 -19.56 18.39
C ALA A 135 -6.58 -19.58 19.89
N VAL A 136 -6.84 -20.71 20.53
CA VAL A 136 -6.52 -20.94 21.95
C VAL A 136 -5.50 -22.08 22.01
N LEU A 137 -4.37 -21.82 22.64
CA LEU A 137 -3.31 -22.80 22.83
C LEU A 137 -3.35 -23.28 24.27
N ASP A 138 -3.27 -24.61 24.48
CA ASP A 138 -3.17 -25.16 25.84
C ASP A 138 -2.27 -26.39 25.88
N TYR A 139 -1.37 -26.43 26.86
CA TYR A 139 -0.46 -27.55 27.10
C TYR A 139 -0.25 -27.68 28.60
N VAL A 140 -0.24 -28.92 29.10
CA VAL A 140 -0.08 -29.19 30.52
C VAL A 140 1.25 -29.90 30.70
N GLU A 141 2.27 -29.18 31.17
CA GLU A 141 3.55 -29.80 31.52
C GLU A 141 3.35 -30.81 32.64
N PRO A 142 3.79 -32.06 32.47
CA PRO A 142 3.56 -33.08 33.52
C PRO A 142 4.26 -32.73 34.84
N THR A 143 3.69 -33.24 35.94
CA THR A 143 4.33 -33.09 37.26
C THR A 143 5.58 -33.97 37.31
N PRO A 144 6.44 -33.81 38.33
CA PRO A 144 7.63 -34.68 38.42
C PRO A 144 7.34 -36.18 38.42
N ILE A 145 6.19 -36.64 38.96
CA ILE A 145 5.87 -38.07 38.84
C ILE A 145 5.12 -38.42 37.56
N GLY A 146 4.81 -37.43 36.71
CA GLY A 146 4.20 -37.72 35.42
C GLY A 146 2.73 -37.37 35.25
N THR A 147 2.07 -36.85 36.28
CA THR A 147 0.64 -36.55 36.20
C THR A 147 0.37 -35.48 35.15
N THR A 148 -0.71 -35.66 34.37
CA THR A 148 -1.17 -34.65 33.43
C THR A 148 -2.70 -34.74 33.33
N TRP A 149 -3.32 -33.81 32.60
CA TRP A 149 -4.78 -33.72 32.52
C TRP A 149 -5.20 -32.93 31.27
N GLY A 150 -6.52 -32.75 31.13
CA GLY A 150 -7.10 -32.22 29.92
C GLY A 150 -7.36 -30.71 29.94
N LEU A 151 -8.09 -30.26 28.93
CA LEU A 151 -8.36 -28.84 28.74
C LEU A 151 -9.19 -28.25 29.88
N GLY A 152 -8.86 -27.02 30.27
CA GLY A 152 -9.70 -26.30 31.22
C GLY A 152 -9.00 -25.54 32.34
N GLY A 153 -7.70 -25.83 32.55
CA GLY A 153 -6.88 -25.10 33.51
C GLY A 153 -6.88 -25.70 34.90
N THR A 154 -6.30 -24.93 35.84
CA THR A 154 -6.06 -25.41 37.20
C THR A 154 -7.36 -25.65 37.99
N CYS A 155 -8.31 -24.70 37.93
CA CYS A 155 -9.54 -24.84 38.69
C CYS A 155 -10.30 -26.11 38.31
N VAL A 156 -10.46 -26.36 37.01
CA VAL A 156 -11.27 -27.46 36.52
C VAL A 156 -10.65 -28.81 36.87
N ASN A 157 -9.33 -28.93 36.70
CA ASN A 157 -8.62 -30.22 36.79
C ASN A 157 -7.96 -30.51 38.13
N VAL A 158 -7.34 -29.51 38.77
CA VAL A 158 -6.54 -29.75 39.98
C VAL A 158 -6.73 -28.62 40.98
N GLY A 159 -7.94 -28.03 41.02
CA GLY A 159 -8.22 -26.87 41.85
C GLY A 159 -9.65 -26.83 42.40
N CYS A 160 -10.38 -25.74 42.15
CA CYS A 160 -11.65 -25.50 42.84
C CYS A 160 -12.60 -26.68 42.73
N ILE A 161 -12.69 -27.29 41.55
CA ILE A 161 -13.72 -28.29 41.27
C ILE A 161 -13.44 -29.59 42.04
N PRO A 162 -12.30 -30.27 41.83
CA PRO A 162 -12.07 -31.50 42.63
C PRO A 162 -11.96 -31.23 44.12
N LYS A 163 -11.37 -30.10 44.53
CA LYS A 163 -11.23 -29.92 45.97
C LYS A 163 -12.57 -29.68 46.66
N LYS A 164 -13.53 -28.99 46.01
CA LYS A 164 -14.82 -28.83 46.67
C LYS A 164 -15.62 -30.13 46.67
N LEU A 165 -15.43 -30.98 45.65
CA LEU A 165 -16.09 -32.28 45.65
C LEU A 165 -15.55 -33.16 46.77
N MET A 166 -14.23 -33.13 47.03
CA MET A 166 -13.74 -33.95 48.15
C MET A 166 -14.08 -33.33 49.49
N HIS A 167 -14.14 -31.99 49.57
CA HIS A 167 -14.74 -31.32 50.74
C HIS A 167 -16.15 -31.83 51.02
N GLN A 168 -16.97 -31.97 49.95
CA GLN A 168 -18.35 -32.45 50.16
C GLN A 168 -18.36 -33.87 50.70
N ALA A 169 -17.44 -34.72 50.20
CA ALA A 169 -17.36 -36.08 50.72
C ALA A 169 -17.00 -36.06 52.19
N GLY A 170 -16.13 -35.14 52.60
CA GLY A 170 -15.81 -34.98 54.01
C GLY A 170 -17.00 -34.49 54.82
N LEU A 171 -17.74 -33.50 54.30
CA LEU A 171 -18.91 -32.99 55.02
C LEU A 171 -19.94 -34.09 55.23
N LEU A 172 -20.04 -35.01 54.29
CA LEU A 172 -21.03 -36.07 54.43
C LEU A 172 -20.73 -36.99 55.63
N SER A 173 -19.49 -37.03 56.12
CA SER A 173 -19.24 -37.85 57.31
C SER A 173 -20.03 -37.34 58.51
N HIS A 174 -20.08 -36.02 58.69
CA HIS A 174 -20.83 -35.48 59.82
C HIS A 174 -22.32 -35.50 59.57
N ALA A 175 -22.75 -35.46 58.31
CA ALA A 175 -24.16 -35.68 58.00
C ALA A 175 -24.59 -37.08 58.43
N LEU A 176 -23.75 -38.10 58.19
CA LEU A 176 -24.04 -39.45 58.67
C LEU A 176 -24.14 -39.49 60.19
N GLU A 177 -23.24 -38.77 60.88
CA GLU A 177 -23.32 -38.68 62.34
C GLU A 177 -24.62 -38.01 62.78
N ASP A 178 -24.97 -36.88 62.16
CA ASP A 178 -26.16 -36.12 62.55
C ASP A 178 -27.44 -36.92 62.33
N ALA A 179 -27.47 -37.77 61.30
CA ALA A 179 -28.70 -38.46 60.94
C ALA A 179 -29.24 -39.33 62.09
N GLU A 180 -28.36 -39.89 62.92
CA GLU A 180 -28.83 -40.70 64.04
C GLU A 180 -29.66 -39.88 65.01
N HIS A 181 -29.19 -38.67 65.34
CA HIS A 181 -29.92 -37.83 66.28
C HIS A 181 -31.24 -37.33 65.72
N PHE A 182 -31.39 -37.21 64.41
CA PHE A 182 -32.67 -36.82 63.83
C PHE A 182 -33.58 -38.02 63.58
N GLY A 183 -33.19 -39.21 64.04
CA GLY A 183 -34.07 -40.37 64.02
C GLY A 183 -33.78 -41.45 62.98
N TRP A 184 -32.69 -41.36 62.21
CA TRP A 184 -32.38 -42.40 61.24
C TRP A 184 -31.60 -43.54 61.88
N SER A 185 -31.82 -44.77 61.38
CA SER A 185 -31.40 -46.01 62.05
C SER A 185 -29.95 -46.42 61.81
N LEU A 186 -29.20 -45.75 60.95
CA LEU A 186 -27.82 -46.16 60.68
C LEU A 186 -26.91 -46.02 61.91
N ASP A 187 -25.76 -46.71 61.85
CA ASP A 187 -24.72 -46.64 62.87
C ASP A 187 -23.44 -46.14 62.23
N ARG A 188 -23.09 -44.87 62.51
CA ARG A 188 -21.94 -44.22 61.88
C ARG A 188 -20.63 -44.97 62.13
N SER A 189 -20.49 -45.60 63.30
CA SER A 189 -19.22 -46.25 63.62
C SER A 189 -18.94 -47.48 62.78
N LYS A 190 -19.93 -47.99 62.02
CA LYS A 190 -19.73 -49.14 61.16
C LYS A 190 -19.51 -48.78 59.69
N ILE A 191 -19.43 -47.50 59.36
CA ILE A 191 -19.33 -47.06 57.97
C ILE A 191 -17.92 -46.55 57.72
N SER A 192 -17.34 -46.92 56.58
CA SER A 192 -16.01 -46.49 56.21
C SER A 192 -16.04 -45.88 54.80
N HIS A 193 -14.93 -45.27 54.40
CA HIS A 193 -14.82 -44.56 53.14
C HIS A 193 -13.85 -45.28 52.19
N ASN A 194 -14.18 -45.28 50.89
CA ASN A 194 -13.36 -45.88 49.83
C ASN A 194 -12.83 -44.75 48.94
N TRP A 195 -11.54 -44.45 49.07
CA TRP A 195 -10.89 -43.37 48.34
C TRP A 195 -11.03 -43.54 46.82
N SER A 196 -10.73 -44.74 46.31
CA SER A 196 -10.72 -44.88 44.86
C SER A 196 -12.12 -44.73 44.25
N THR A 197 -13.16 -45.15 44.96
CA THR A 197 -14.52 -44.89 44.46
C THR A 197 -14.78 -43.40 44.33
N MET A 198 -14.36 -42.62 45.32
CA MET A 198 -14.56 -41.17 45.25
C MET A 198 -13.76 -40.55 44.11
N VAL A 199 -12.47 -40.89 44.00
CA VAL A 199 -11.63 -40.36 42.91
C VAL A 199 -12.24 -40.68 41.56
N GLU A 200 -12.76 -41.90 41.38
CA GLU A 200 -13.37 -42.26 40.11
C GLU A 200 -14.55 -41.34 39.77
N GLY A 201 -15.38 -41.03 40.76
CA GLY A 201 -16.52 -40.15 40.50
C GLY A 201 -16.11 -38.72 40.21
N VAL A 202 -15.12 -38.21 40.96
CA VAL A 202 -14.58 -36.88 40.71
C VAL A 202 -13.99 -36.80 39.31
N GLN A 203 -13.20 -37.80 38.93
CA GLN A 203 -12.52 -37.72 37.64
C GLN A 203 -13.49 -37.89 36.47
N SER A 204 -14.58 -38.64 36.66
CA SER A 204 -15.58 -38.72 35.61
C SER A 204 -16.25 -37.36 35.36
N HIS A 205 -16.50 -36.59 36.43
CA HIS A 205 -17.03 -35.23 36.24
C HIS A 205 -16.01 -34.32 35.56
N ILE A 206 -14.74 -34.35 36.01
CA ILE A 206 -13.72 -33.55 35.34
C ILE A 206 -13.62 -33.90 33.85
N GLY A 207 -13.69 -35.19 33.52
CA GLY A 207 -13.66 -35.58 32.11
C GLY A 207 -14.82 -35.00 31.31
N SER A 208 -16.00 -34.90 31.92
CA SER A 208 -17.11 -34.27 31.21
C SER A 208 -16.87 -32.78 31.00
N LEU A 209 -16.10 -32.14 31.89
CA LEU A 209 -15.77 -30.73 31.68
C LEU A 209 -14.72 -30.58 30.57
N ASN A 210 -13.66 -31.40 30.60
CA ASN A 210 -12.67 -31.39 29.50
C ASN A 210 -13.38 -31.48 28.15
N TRP A 211 -14.30 -32.44 28.01
CA TRP A 211 -14.99 -32.66 26.74
C TRP A 211 -15.89 -31.47 26.41
N GLY A 212 -16.62 -30.98 27.40
CA GLY A 212 -17.50 -29.82 27.18
C GLY A 212 -16.76 -28.60 26.66
N TYR A 213 -15.53 -28.38 27.14
CA TYR A 213 -14.78 -27.22 26.61
C TYR A 213 -14.36 -27.43 25.16
N LYS A 214 -13.92 -28.63 24.79
CA LYS A 214 -13.55 -28.86 23.39
C LYS A 214 -14.77 -28.70 22.48
N VAL A 215 -15.95 -29.13 22.94
CA VAL A 215 -17.17 -28.93 22.17
C VAL A 215 -17.50 -27.46 22.03
N ALA A 216 -17.38 -26.70 23.14
CA ALA A 216 -17.67 -25.27 23.10
C ALA A 216 -16.78 -24.54 22.11
N LEU A 217 -15.48 -24.84 22.08
CA LEU A 217 -14.58 -24.16 21.15
C LEU A 217 -14.91 -24.52 19.70
N ARG A 218 -15.17 -25.80 19.43
CA ARG A 218 -15.60 -26.19 18.08
C ARG A 218 -16.86 -25.43 17.66
N ASP A 219 -17.85 -25.33 18.55
CA ASP A 219 -19.12 -24.69 18.20
C ASP A 219 -19.02 -23.16 18.07
N ASN A 220 -17.95 -22.54 18.58
CA ASN A 220 -17.71 -21.12 18.38
C ASN A 220 -16.70 -20.84 17.27
N GLN A 221 -16.26 -21.88 16.56
CA GLN A 221 -15.29 -21.77 15.46
C GLN A 221 -13.93 -21.25 15.95
N VAL A 222 -13.56 -21.60 17.19
CA VAL A 222 -12.23 -21.33 17.74
C VAL A 222 -11.31 -22.50 17.42
N THR A 223 -10.11 -22.19 16.93
CA THR A 223 -9.09 -23.22 16.72
C THR A 223 -8.41 -23.61 18.03
N TYR A 224 -8.56 -24.86 18.45
CA TYR A 224 -7.87 -25.35 19.65
C TYR A 224 -6.61 -26.11 19.23
N LEU A 225 -5.45 -25.64 19.70
CA LEU A 225 -4.18 -26.31 19.48
C LEU A 225 -3.65 -26.80 20.82
N ASN A 226 -3.50 -28.12 20.96
CA ASN A 226 -2.86 -28.73 22.14
C ASN A 226 -1.35 -28.66 21.93
N ALA A 227 -0.80 -27.47 22.15
CA ALA A 227 0.62 -27.20 21.89
C ALA A 227 1.11 -26.14 22.85
N LYS A 228 2.41 -26.16 23.13
CA LYS A 228 3.04 -25.14 23.97
C LYS A 228 3.40 -23.91 23.14
N GLY A 229 3.04 -22.72 23.62
CA GLY A 229 3.27 -21.48 22.90
C GLY A 229 4.34 -20.62 23.53
N ARG A 230 5.05 -19.86 22.69
CA ARG A 230 6.10 -18.96 23.17
C ARG A 230 6.04 -17.70 22.31
N LEU A 231 5.87 -16.53 22.95
CA LEU A 231 5.84 -15.26 22.25
C LEU A 231 7.27 -14.83 21.94
N ILE A 232 7.62 -14.75 20.65
CA ILE A 232 9.00 -14.45 20.24
C ILE A 232 9.14 -13.06 19.64
N SER A 233 8.05 -12.42 19.27
CA SER A 233 7.99 -11.00 18.93
C SER A 233 6.56 -10.55 19.16
N PRO A 234 6.28 -9.23 19.06
CA PRO A 234 4.91 -8.78 19.40
C PRO A 234 3.78 -9.54 18.71
N HIS A 235 3.96 -9.98 17.46
CA HIS A 235 2.89 -10.63 16.72
C HIS A 235 3.16 -12.10 16.39
N GLU A 236 4.27 -12.67 16.85
CA GLU A 236 4.70 -14.00 16.41
C GLU A 236 4.71 -14.96 17.59
N VAL A 237 3.99 -16.08 17.47
CA VAL A 237 3.93 -17.10 18.52
C VAL A 237 4.52 -18.39 17.97
N GLN A 238 5.60 -18.84 18.60
CA GLN A 238 6.21 -20.13 18.25
C GLN A 238 5.50 -21.25 18.99
N ILE A 239 5.09 -22.30 18.26
CA ILE A 239 4.32 -23.40 18.83
C ILE A 239 5.09 -24.71 18.67
N THR A 240 4.97 -25.59 19.67
CA THR A 240 5.56 -26.93 19.65
C THR A 240 4.46 -27.93 19.95
N ASP A 241 4.27 -28.90 19.07
CA ASP A 241 3.18 -29.87 19.21
C ASP A 241 3.66 -31.17 19.86
N LYS A 242 2.75 -32.14 20.00
CA LYS A 242 3.09 -33.33 20.77
C LYS A 242 4.01 -34.30 20.00
N ASN A 243 4.37 -33.98 18.77
CA ASN A 243 5.42 -34.68 18.04
C ASN A 243 6.71 -33.88 17.99
N GLN A 244 6.81 -32.82 18.80
CA GLN A 244 7.93 -31.89 18.82
C GLN A 244 8.16 -31.18 17.48
N LYS A 245 7.12 -31.08 16.65
CA LYS A 245 7.20 -30.26 15.44
C LYS A 245 7.02 -28.79 15.82
N VAL A 246 7.92 -27.93 15.34
CA VAL A 246 7.94 -26.52 15.71
C VAL A 246 7.53 -25.69 14.50
N SER A 247 6.72 -24.66 14.75
CA SER A 247 6.24 -23.77 13.69
C SER A 247 5.83 -22.44 14.31
N THR A 248 5.44 -21.48 13.46
CA THR A 248 5.17 -20.12 13.90
C THR A 248 3.82 -19.65 13.36
N ILE A 249 2.98 -19.08 14.24
CA ILE A 249 1.72 -18.46 13.83
C ILE A 249 1.74 -16.99 14.25
N THR A 250 0.98 -16.17 13.52
CA THR A 250 0.92 -14.73 13.77
C THR A 250 -0.50 -14.31 14.18
N GLY A 251 -0.56 -13.31 15.05
CA GLY A 251 -1.84 -12.78 15.49
C GLY A 251 -1.76 -11.29 15.69
N ASN A 252 -2.91 -10.62 15.50
CA ASN A 252 -2.98 -9.18 15.73
C ASN A 252 -2.85 -8.86 17.23
N LYS A 253 -3.84 -9.31 18.02
CA LYS A 253 -3.82 -9.17 19.48
C LYS A 253 -3.39 -10.49 20.12
N ILE A 254 -2.68 -10.39 21.23
CA ILE A 254 -2.17 -11.55 21.97
C ILE A 254 -2.67 -11.43 23.41
N ILE A 255 -3.25 -12.51 23.96
CA ILE A 255 -3.62 -12.54 25.38
C ILE A 255 -2.79 -13.62 26.07
N LEU A 256 -2.02 -13.22 27.09
CA LEU A 256 -1.26 -14.16 27.90
C LEU A 256 -2.12 -14.61 29.08
N ALA A 257 -2.30 -15.91 29.24
CA ALA A 257 -3.21 -16.45 30.27
C ALA A 257 -2.72 -17.82 30.76
N THR A 258 -1.43 -17.92 31.07
CA THR A 258 -0.78 -19.21 31.31
C THR A 258 -0.76 -19.68 32.77
N GLY A 259 -1.27 -18.89 33.72
CA GLY A 259 -1.39 -19.38 35.09
C GLY A 259 -0.07 -19.69 35.82
N GLU A 260 -0.18 -20.48 36.90
CA GLU A 260 0.94 -20.81 37.79
C GLU A 260 0.97 -22.32 38.04
N ARG A 261 2.05 -22.79 38.68
CA ARG A 261 2.18 -24.17 39.12
C ARG A 261 2.77 -24.20 40.54
N PRO A 262 2.62 -25.32 41.26
CA PRO A 262 3.10 -25.37 42.66
C PRO A 262 4.62 -25.28 42.77
N LYS A 263 5.07 -24.67 43.88
CA LYS A 263 6.48 -24.62 44.25
C LYS A 263 6.87 -25.84 45.09
N TYR A 264 8.16 -26.20 45.05
CA TYR A 264 8.75 -27.15 45.99
C TYR A 264 9.84 -26.47 46.82
N PRO A 265 10.02 -26.83 48.08
CA PRO A 265 11.18 -26.31 48.82
C PRO A 265 12.47 -26.96 48.33
N GLU A 266 13.57 -26.24 48.52
CA GLU A 266 14.88 -26.71 48.06
C GLU A 266 15.55 -27.54 49.15
N ILE A 267 15.01 -28.74 49.36
CA ILE A 267 15.55 -29.68 50.34
C ILE A 267 15.71 -31.05 49.69
N PRO A 268 16.62 -31.91 50.17
CA PRO A 268 16.77 -33.26 49.60
C PRO A 268 15.50 -34.08 49.74
N GLY A 269 15.13 -34.78 48.67
CA GLY A 269 13.99 -35.68 48.70
C GLY A 269 12.63 -35.08 48.34
N ALA A 270 12.52 -33.75 48.25
CA ALA A 270 11.20 -33.13 48.06
C ALA A 270 10.60 -33.49 46.71
N VAL A 271 11.33 -33.24 45.62
CA VAL A 271 10.82 -33.50 44.29
C VAL A 271 10.71 -35.00 44.03
N GLU A 272 11.65 -35.77 44.58
CA GLU A 272 11.68 -37.22 44.32
C GLU A 272 10.56 -37.97 45.06
N TYR A 273 10.27 -37.61 46.31
CA TYR A 273 9.41 -38.46 47.14
C TYR A 273 8.11 -37.83 47.63
N GLY A 274 7.94 -36.51 47.54
CA GLY A 274 6.69 -35.86 47.90
C GLY A 274 5.82 -35.60 46.68
N ILE A 275 4.62 -35.06 46.92
CA ILE A 275 3.68 -34.70 45.85
C ILE A 275 3.15 -33.30 46.13
N THR A 276 2.31 -32.78 45.22
CA THR A 276 1.58 -31.53 45.44
C THR A 276 0.09 -31.75 45.15
N SER A 277 -0.68 -30.66 45.25
CA SER A 277 -2.10 -30.74 44.93
C SER A 277 -2.32 -31.19 43.47
N ASP A 278 -1.37 -30.91 42.58
CA ASP A 278 -1.47 -31.35 41.18
C ASP A 278 -1.62 -32.87 41.07
N ASP A 279 -1.00 -33.63 41.98
CA ASP A 279 -1.06 -35.10 41.98
C ASP A 279 -2.22 -35.63 42.82
N LEU A 280 -2.64 -34.90 43.86
CA LEU A 280 -3.55 -35.45 44.85
C LEU A 280 -4.91 -35.83 44.26
N PHE A 281 -5.45 -35.00 43.37
CA PHE A 281 -6.85 -35.17 42.99
C PHE A 281 -7.10 -36.34 42.04
N SER A 282 -6.04 -36.98 41.51
CA SER A 282 -6.20 -38.20 40.73
C SER A 282 -5.37 -39.36 41.29
N LEU A 283 -4.88 -39.25 42.52
CA LEU A 283 -3.99 -40.28 43.06
C LEU A 283 -4.68 -41.65 43.07
N PRO A 284 -4.05 -42.70 42.54
CA PRO A 284 -4.76 -44.00 42.45
C PRO A 284 -4.91 -44.76 43.78
N TYR A 285 -4.14 -44.43 44.83
CA TYR A 285 -4.25 -45.04 46.15
C TYR A 285 -4.54 -43.98 47.21
N PHE A 286 -5.12 -44.41 48.35
CA PHE A 286 -5.35 -43.48 49.47
C PHE A 286 -4.00 -43.04 50.01
N PRO A 287 -3.79 -41.75 50.27
CA PRO A 287 -2.47 -41.29 50.74
C PRO A 287 -1.98 -41.92 52.03
N GLY A 288 -2.87 -42.50 52.85
CA GLY A 288 -2.50 -43.02 54.17
C GLY A 288 -2.13 -41.92 55.15
N LYS A 289 -1.28 -42.27 56.14
CA LYS A 289 -0.78 -41.27 57.08
C LYS A 289 -0.03 -40.18 56.33
N THR A 290 -0.49 -38.91 56.47
CA THR A 290 -0.09 -37.83 55.58
C THR A 290 0.47 -36.64 56.35
N LEU A 291 1.54 -36.05 55.84
CA LEU A 291 2.04 -34.76 56.31
C LEU A 291 1.79 -33.71 55.23
N VAL A 292 1.13 -32.61 55.60
CA VAL A 292 0.96 -31.47 54.71
C VAL A 292 1.93 -30.39 55.19
N ILE A 293 2.84 -29.95 54.32
CA ILE A 293 3.80 -28.91 54.65
C ILE A 293 3.30 -27.60 54.05
N GLY A 294 3.01 -26.63 54.92
CA GLY A 294 2.47 -25.36 54.48
C GLY A 294 1.20 -24.99 55.24
N ALA A 295 0.74 -23.77 55.00
CA ALA A 295 -0.34 -23.19 55.80
C ALA A 295 -1.27 -22.29 54.99
N SER A 296 -1.21 -22.35 53.66
CA SER A 296 -2.10 -21.63 52.76
C SER A 296 -3.50 -22.24 52.80
N TYR A 297 -4.44 -21.61 52.08
CA TYR A 297 -5.77 -22.21 52.02
C TYR A 297 -5.72 -23.57 51.32
N VAL A 298 -4.80 -23.76 50.37
CA VAL A 298 -4.69 -25.08 49.74
C VAL A 298 -4.28 -26.12 50.78
N ALA A 299 -3.26 -25.80 51.59
CA ALA A 299 -2.80 -26.72 52.63
C ALA A 299 -3.93 -27.08 53.60
N LEU A 300 -4.67 -26.08 54.10
CA LEU A 300 -5.65 -26.37 55.13
C LEU A 300 -6.88 -27.08 54.56
N GLU A 301 -7.31 -26.72 53.34
CA GLU A 301 -8.46 -27.38 52.73
C GLU A 301 -8.16 -28.86 52.49
N CYS A 302 -6.96 -29.17 51.98
CA CYS A 302 -6.60 -30.56 51.73
C CYS A 302 -6.46 -31.35 53.02
N ALA A 303 -5.76 -30.79 54.01
CA ALA A 303 -5.65 -31.48 55.30
C ALA A 303 -7.02 -31.72 55.91
N GLY A 304 -7.92 -30.74 55.77
CA GLY A 304 -9.25 -30.87 56.36
C GLY A 304 -10.06 -32.02 55.79
N PHE A 305 -10.15 -32.13 54.45
CA PHE A 305 -10.99 -33.23 53.95
C PHE A 305 -10.32 -34.59 54.16
N LEU A 306 -8.98 -34.67 54.07
CA LEU A 306 -8.30 -35.95 54.34
C LEU A 306 -8.62 -36.44 55.75
N ALA A 307 -8.66 -35.55 56.74
CA ALA A 307 -9.00 -35.96 58.11
C ALA A 307 -10.46 -36.43 58.22
N SER A 308 -11.38 -35.73 57.56
CA SER A 308 -12.80 -36.13 57.61
C SER A 308 -13.05 -37.46 56.90
N LEU A 309 -12.21 -37.83 55.93
CA LEU A 309 -12.35 -39.12 55.27
C LEU A 309 -11.68 -40.25 56.06
N GLY A 310 -11.19 -39.97 57.26
CA GLY A 310 -10.63 -40.98 58.13
C GLY A 310 -9.12 -41.05 58.19
N GLY A 311 -8.39 -40.09 57.60
CA GLY A 311 -6.95 -40.16 57.56
C GLY A 311 -6.28 -39.61 58.82
N ASP A 312 -5.05 -40.07 59.03
CA ASP A 312 -4.17 -39.57 60.08
C ASP A 312 -3.35 -38.44 59.46
N VAL A 313 -3.65 -37.17 59.80
CA VAL A 313 -3.13 -36.01 59.09
C VAL A 313 -2.43 -35.06 60.04
N THR A 314 -1.25 -34.58 59.64
CA THR A 314 -0.49 -33.57 60.35
C THR A 314 -0.17 -32.42 59.39
N VAL A 315 -0.20 -31.19 59.90
CA VAL A 315 0.14 -29.98 59.14
C VAL A 315 1.35 -29.32 59.79
N MET A 316 2.40 -29.07 59.00
CA MET A 316 3.65 -28.45 59.47
C MET A 316 3.62 -26.96 59.11
N VAL A 317 3.58 -26.09 60.12
CA VAL A 317 3.35 -24.66 59.92
C VAL A 317 4.64 -23.88 60.22
N ARG A 318 5.16 -23.15 59.22
CA ARG A 318 6.39 -22.35 59.41
C ARG A 318 6.18 -21.25 60.44
N SER A 319 5.11 -20.45 60.29
CA SER A 319 4.83 -19.34 61.21
C SER A 319 3.34 -19.28 61.55
N ILE A 320 2.51 -18.73 60.67
CA ILE A 320 1.07 -18.52 60.95
C ILE A 320 0.22 -19.24 59.88
N LEU A 321 -1.07 -19.37 60.17
CA LEU A 321 -2.05 -19.89 59.21
C LEU A 321 -2.61 -18.77 58.36
N LEU A 322 -2.88 -19.06 57.08
CA LEU A 322 -3.58 -18.11 56.20
C LEU A 322 -2.97 -16.71 56.24
N ARG A 323 -1.65 -16.61 56.05
CA ARG A 323 -1.01 -15.29 56.00
C ARG A 323 -1.68 -14.41 54.96
N GLY A 324 -2.05 -13.19 55.36
CA GLY A 324 -2.72 -12.25 54.50
C GLY A 324 -4.23 -12.18 54.68
N PHE A 325 -4.83 -13.17 55.35
CA PHE A 325 -6.22 -13.15 55.80
C PHE A 325 -6.28 -12.65 57.25
N ASP A 326 -7.47 -12.19 57.65
CA ASP A 326 -7.73 -11.78 59.04
C ASP A 326 -7.26 -12.86 60.03
N GLN A 327 -6.33 -12.50 60.94
CA GLN A 327 -5.70 -13.51 61.79
C GLN A 327 -6.56 -13.97 62.97
N GLN A 328 -7.53 -13.18 63.44
CA GLN A 328 -8.48 -13.73 64.39
C GLN A 328 -9.29 -14.85 63.76
N MET A 329 -9.80 -14.63 62.54
CA MET A 329 -10.51 -15.69 61.83
C MET A 329 -9.61 -16.88 61.51
N ALA A 330 -8.36 -16.62 61.09
CA ALA A 330 -7.46 -17.74 60.78
C ALA A 330 -7.26 -18.66 61.99
N GLU A 331 -7.06 -18.06 63.16
CA GLU A 331 -6.86 -18.87 64.37
C GLU A 331 -8.11 -19.67 64.72
N LYS A 332 -9.31 -19.09 64.56
CA LYS A 332 -10.54 -19.85 64.81
C LYS A 332 -10.67 -21.03 63.84
N VAL A 333 -10.31 -20.82 62.58
CA VAL A 333 -10.32 -21.90 61.58
C VAL A 333 -9.43 -23.05 62.03
N GLY A 334 -8.20 -22.73 62.46
CA GLY A 334 -7.26 -23.78 62.85
C GLY A 334 -7.65 -24.45 64.15
N ASP A 335 -8.17 -23.68 65.10
CA ASP A 335 -8.63 -24.25 66.37
C ASP A 335 -9.72 -25.30 66.14
N TYR A 336 -10.65 -25.02 65.23
CA TYR A 336 -11.68 -26.00 64.90
C TYR A 336 -11.06 -27.26 64.30
N MET A 337 -10.14 -27.10 63.33
CA MET A 337 -9.52 -28.29 62.76
C MET A 337 -8.82 -29.13 63.82
N GLU A 338 -8.10 -28.47 64.73
CA GLU A 338 -7.35 -29.20 65.74
C GLU A 338 -8.28 -29.93 66.71
N ASN A 339 -9.45 -29.37 67.00
CA ASN A 339 -10.41 -30.05 67.86
C ASN A 339 -11.10 -31.20 67.16
N HIS A 340 -11.09 -31.23 65.83
CA HIS A 340 -11.72 -32.30 65.07
C HIS A 340 -10.70 -33.15 64.31
N GLY A 341 -9.55 -33.41 64.94
CA GLY A 341 -8.66 -34.46 64.47
C GLY A 341 -7.61 -34.12 63.43
N VAL A 342 -7.26 -32.84 63.24
CA VAL A 342 -6.06 -32.47 62.51
C VAL A 342 -4.95 -32.16 63.52
N LYS A 343 -3.78 -32.78 63.35
CA LYS A 343 -2.63 -32.45 64.19
C LYS A 343 -1.79 -31.36 63.54
N PHE A 344 -1.14 -30.55 64.39
CA PHE A 344 -0.35 -29.41 63.92
C PHE A 344 1.03 -29.44 64.53
N ALA A 345 2.06 -29.29 63.69
CA ALA A 345 3.43 -29.08 64.13
C ALA A 345 3.78 -27.61 63.88
N LYS A 346 3.70 -26.80 64.94
CA LYS A 346 3.74 -25.35 64.86
C LYS A 346 5.17 -24.83 64.96
N LEU A 347 5.43 -23.73 64.22
CA LEU A 347 6.77 -23.10 64.18
C LEU A 347 7.86 -24.09 63.76
N CYS A 348 7.65 -24.76 62.62
CA CYS A 348 8.47 -25.92 62.26
C CYS A 348 8.65 -25.94 60.74
N VAL A 349 9.83 -26.34 60.28
CA VAL A 349 10.08 -26.45 58.84
C VAL A 349 10.83 -27.74 58.53
N PRO A 350 10.71 -28.25 57.30
CA PRO A 350 11.37 -29.50 56.93
C PRO A 350 12.78 -29.30 56.43
N ASP A 351 13.66 -30.27 56.74
CA ASP A 351 15.05 -30.27 56.29
C ASP A 351 15.36 -31.33 55.22
N GLU A 352 14.71 -32.50 55.26
CA GLU A 352 14.89 -33.48 54.20
C GLU A 352 13.87 -34.61 54.31
N ILE A 353 13.63 -35.28 53.18
CA ILE A 353 12.72 -36.42 53.08
C ILE A 353 13.56 -37.62 52.66
N LYS A 354 13.54 -38.72 53.44
CA LYS A 354 14.21 -39.95 53.05
C LYS A 354 13.20 -41.04 52.67
N GLN A 355 13.55 -41.85 51.69
CA GLN A 355 12.64 -42.90 51.23
C GLN A 355 12.92 -44.20 51.97
N LEU A 356 11.88 -44.76 52.61
CA LEU A 356 11.97 -46.06 53.27
C LEU A 356 11.32 -47.17 52.47
N LYS A 357 10.24 -46.88 51.72
CA LYS A 357 9.64 -47.82 50.78
C LYS A 357 9.21 -47.08 49.52
N VAL A 358 9.42 -47.72 48.37
CA VAL A 358 8.95 -47.22 47.08
C VAL A 358 7.43 -47.42 46.97
N VAL A 359 6.77 -46.53 46.22
CA VAL A 359 5.33 -46.67 46.00
C VAL A 359 5.04 -48.01 45.34
N ASP A 360 4.05 -48.73 45.86
CA ASP A 360 3.72 -50.08 45.41
C ASP A 360 2.64 -49.96 44.35
N THR A 361 3.09 -49.82 43.10
CA THR A 361 2.16 -49.60 41.99
C THR A 361 1.31 -50.82 41.67
N GLU A 362 1.77 -52.02 42.05
CA GLU A 362 0.96 -53.22 41.81
C GLU A 362 -0.22 -53.26 42.77
N ASN A 363 0.07 -53.49 44.05
CA ASN A 363 -0.99 -53.59 45.07
C ASN A 363 -1.64 -52.25 45.40
N ASN A 364 -1.30 -51.17 44.69
CA ASN A 364 -2.00 -49.90 44.82
C ASN A 364 -1.93 -49.34 46.25
N LYS A 365 -0.70 -49.08 46.68
CA LYS A 365 -0.38 -48.68 48.04
C LYS A 365 0.68 -47.58 47.98
N PRO A 366 0.65 -46.63 48.91
CA PRO A 366 1.72 -45.63 48.97
C PRO A 366 3.03 -46.26 49.42
N GLY A 367 4.09 -45.46 49.37
CA GLY A 367 5.38 -45.82 49.96
C GLY A 367 5.44 -45.52 51.45
N LEU A 368 6.64 -45.22 51.93
CA LEU A 368 6.89 -44.85 53.32
C LEU A 368 8.10 -43.94 53.37
N LEU A 369 8.01 -42.86 54.14
CA LEU A 369 9.01 -41.81 54.13
C LEU A 369 9.40 -41.42 55.55
N LEU A 370 10.65 -40.99 55.71
CA LEU A 370 11.11 -40.38 56.96
C LEU A 370 11.31 -38.89 56.74
N VAL A 371 10.65 -38.06 57.57
CA VAL A 371 10.76 -36.61 57.46
C VAL A 371 11.53 -36.08 58.65
N LYS A 372 12.58 -35.29 58.37
CA LYS A 372 13.39 -34.64 59.39
C LYS A 372 13.27 -33.14 59.24
N GLY A 373 13.09 -32.43 60.36
CA GLY A 373 13.00 -30.97 60.31
C GLY A 373 13.40 -30.35 61.64
N HIS A 374 13.11 -29.06 61.85
CA HIS A 374 13.39 -28.45 63.15
C HIS A 374 12.42 -27.33 63.49
N TYR A 375 12.20 -27.10 64.78
CA TYR A 375 11.40 -25.99 65.29
C TYR A 375 12.26 -24.72 65.43
N THR A 376 11.59 -23.57 65.55
CA THR A 376 12.33 -22.32 65.50
C THR A 376 13.27 -22.14 66.69
N ASP A 377 13.07 -22.87 67.78
CA ASP A 377 14.00 -22.81 68.90
C ASP A 377 15.17 -23.76 68.73
N GLY A 378 15.17 -24.56 67.66
CA GLY A 378 16.24 -25.49 67.38
C GLY A 378 15.95 -26.94 67.71
N LYS A 379 14.88 -27.25 68.44
CA LYS A 379 14.61 -28.66 68.72
C LYS A 379 14.29 -29.39 67.42
N LYS A 380 14.46 -30.72 67.43
CA LYS A 380 14.35 -31.52 66.21
C LYS A 380 12.95 -32.12 66.02
N PHE A 381 12.57 -32.26 64.75
CA PHE A 381 11.38 -32.99 64.32
C PHE A 381 11.84 -34.20 63.52
N GLU A 382 11.28 -35.39 63.82
CA GLU A 382 11.58 -36.60 63.05
C GLU A 382 10.40 -37.56 63.20
N GLU A 383 9.75 -37.92 62.08
CA GLU A 383 8.56 -38.78 62.08
C GLU A 383 8.38 -39.41 60.69
N GLU A 384 7.77 -40.61 60.67
CA GLU A 384 7.48 -41.32 59.41
C GLU A 384 6.06 -41.02 58.90
N PHE A 385 5.92 -40.91 57.57
CA PHE A 385 4.61 -40.70 56.92
C PHE A 385 4.57 -41.53 55.63
N GLU A 386 3.35 -41.87 55.19
CA GLU A 386 3.19 -42.55 53.91
C GLU A 386 3.18 -41.57 52.73
N THR A 387 2.64 -40.37 52.91
CA THR A 387 2.58 -39.34 51.88
C THR A 387 2.97 -38.00 52.47
N VAL A 388 3.73 -37.22 51.72
CA VAL A 388 4.09 -35.84 52.08
C VAL A 388 3.62 -34.92 50.96
N ILE A 389 2.74 -33.97 51.29
CA ILE A 389 2.18 -33.02 50.32
C ILE A 389 2.76 -31.65 50.60
N PHE A 390 3.36 -31.05 49.58
CA PHE A 390 3.91 -29.70 49.69
C PHE A 390 2.87 -28.72 49.19
N ALA A 391 2.48 -27.76 50.05
CA ALA A 391 1.60 -26.64 49.69
C ALA A 391 2.27 -25.35 50.17
N VAL A 392 3.36 -24.97 49.51
CA VAL A 392 4.19 -23.84 49.94
C VAL A 392 4.20 -22.72 48.90
N GLY A 393 3.09 -22.57 48.19
CA GLY A 393 2.89 -21.46 47.28
C GLY A 393 2.96 -21.89 45.82
N ARG A 394 2.61 -20.94 44.94
CA ARG A 394 2.53 -21.17 43.50
C ARG A 394 3.26 -20.05 42.78
N GLU A 395 3.73 -20.31 41.57
CA GLU A 395 4.50 -19.31 40.84
C GLU A 395 4.34 -19.48 39.34
N PRO A 396 4.45 -18.42 38.57
CA PRO A 396 4.45 -18.55 37.11
C PRO A 396 5.89 -18.80 36.68
N GLN A 397 6.05 -19.18 35.44
CA GLN A 397 7.42 -19.31 34.96
C GLN A 397 7.41 -18.76 33.55
N LEU A 398 7.38 -17.43 33.46
CA LEU A 398 7.13 -16.81 32.17
C LEU A 398 8.33 -16.90 31.23
N SER A 399 9.51 -17.28 31.74
CA SER A 399 10.64 -17.51 30.83
C SER A 399 10.33 -18.61 29.80
N LYS A 400 9.47 -19.57 30.16
CA LYS A 400 9.01 -20.58 29.21
C LYS A 400 7.95 -20.06 28.23
N VAL A 401 7.41 -18.87 28.46
CA VAL A 401 6.32 -18.35 27.66
C VAL A 401 6.73 -17.14 26.83
N LEU A 402 7.78 -16.42 27.21
CA LEU A 402 7.93 -15.03 26.81
C LEU A 402 9.41 -14.73 26.64
N CYS A 403 9.87 -14.59 25.41
CA CYS A 403 11.24 -14.16 25.17
C CYS A 403 11.47 -12.75 25.71
N GLU A 404 12.63 -12.54 26.33
CA GLU A 404 12.91 -11.26 26.98
C GLU A 404 13.01 -10.10 26.00
N THR A 405 13.33 -10.37 24.73
CA THR A 405 13.46 -9.32 23.73
C THR A 405 12.12 -8.78 23.23
N VAL A 406 11.01 -9.43 23.56
CA VAL A 406 9.72 -8.87 23.17
C VAL A 406 9.48 -7.54 23.88
N GLY A 407 9.94 -7.39 25.10
CA GLY A 407 9.79 -6.14 25.82
C GLY A 407 8.62 -6.06 26.80
N VAL A 408 8.09 -7.20 27.25
CA VAL A 408 7.00 -7.23 28.22
C VAL A 408 7.61 -7.19 29.62
N LYS A 409 7.24 -6.16 30.38
CA LYS A 409 7.82 -5.89 31.70
C LYS A 409 7.21 -6.82 32.76
N LEU A 410 8.07 -7.42 33.58
CA LEU A 410 7.65 -8.21 34.74
C LEU A 410 8.06 -7.52 36.04
N ASP A 411 7.35 -7.86 37.13
CA ASP A 411 7.72 -7.36 38.45
C ASP A 411 8.73 -8.32 39.12
N LYS A 412 9.03 -8.07 40.41
CA LYS A 412 10.04 -8.85 41.14
C LYS A 412 9.64 -10.31 41.33
N ASN A 413 8.34 -10.59 41.32
CA ASN A 413 7.81 -11.94 41.47
C ASN A 413 7.61 -12.65 40.14
N GLY A 414 7.96 -12.02 39.03
CA GLY A 414 7.79 -12.67 37.74
C GLY A 414 6.42 -12.57 37.13
N ARG A 415 5.55 -11.69 37.63
CA ARG A 415 4.22 -11.48 37.08
C ARG A 415 4.23 -10.28 36.14
N VAL A 416 3.23 -10.18 35.26
CA VAL A 416 3.18 -9.17 34.21
C VAL A 416 2.62 -7.87 34.75
N VAL A 417 3.33 -6.76 34.52
CA VAL A 417 2.86 -5.44 34.95
C VAL A 417 1.91 -4.87 33.90
N CYS A 418 0.67 -4.61 34.31
CA CYS A 418 -0.40 -4.25 33.38
C CYS A 418 -1.05 -2.93 33.78
N THR A 419 -1.56 -2.22 32.77
CA THR A 419 -2.47 -1.12 32.99
C THR A 419 -3.82 -1.65 33.48
N ASP A 420 -4.72 -0.73 33.84
CA ASP A 420 -6.02 -1.14 34.35
C ASP A 420 -6.97 -1.62 33.25
N ASP A 421 -6.52 -1.68 31.99
CA ASP A 421 -7.26 -2.38 30.94
C ASP A 421 -6.53 -3.63 30.48
N GLU A 422 -5.66 -4.19 31.34
CA GLU A 422 -4.88 -5.42 31.12
C GLU A 422 -3.78 -5.28 30.06
N GLN A 423 -3.48 -4.07 29.58
CA GLN A 423 -2.44 -3.90 28.56
C GLN A 423 -1.04 -4.00 29.18
N THR A 424 -0.14 -4.75 28.52
CA THR A 424 1.25 -4.83 28.94
C THR A 424 2.01 -3.62 28.37
N THR A 425 3.35 -3.61 28.53
CA THR A 425 4.19 -2.56 27.93
C THR A 425 4.36 -2.72 26.42
N VAL A 426 3.81 -3.79 25.83
CA VAL A 426 3.77 -3.98 24.39
C VAL A 426 2.32 -3.82 23.95
N SER A 427 2.06 -2.87 23.04
CA SER A 427 0.73 -2.27 22.92
C SER A 427 -0.36 -3.24 22.45
N ASN A 428 0.00 -4.31 21.73
CA ASN A 428 -0.99 -5.29 21.27
C ASN A 428 -1.06 -6.54 22.16
N VAL A 429 -0.31 -6.57 23.27
CA VAL A 429 -0.22 -7.75 24.13
C VAL A 429 -0.87 -7.43 25.47
N TYR A 430 -1.72 -8.36 25.96
CA TYR A 430 -2.48 -8.21 27.20
C TYR A 430 -2.25 -9.44 28.07
N ALA A 431 -2.51 -9.32 29.38
CA ALA A 431 -2.36 -10.45 30.30
C ALA A 431 -3.54 -10.49 31.28
N ILE A 432 -4.04 -11.70 31.59
CA ILE A 432 -5.19 -11.89 32.46
C ILE A 432 -4.94 -13.07 33.41
N GLY A 433 -5.70 -13.09 34.51
CA GLY A 433 -5.65 -14.24 35.41
C GLY A 433 -4.52 -14.16 36.41
N ASP A 434 -4.04 -15.32 36.86
CA ASP A 434 -3.08 -15.31 37.97
C ASP A 434 -1.75 -14.61 37.64
N ILE A 435 -1.35 -14.51 36.36
CA ILE A 435 -0.08 -13.85 36.06
C ILE A 435 -0.15 -12.33 35.97
N ASN A 436 -1.33 -11.73 36.16
CA ASN A 436 -1.46 -10.26 36.14
C ASN A 436 -1.09 -9.75 37.53
N ALA A 437 0.01 -9.00 37.63
CA ALA A 437 0.57 -8.63 38.93
C ALA A 437 -0.43 -7.83 39.76
N GLY A 438 -0.48 -8.12 41.06
CA GLY A 438 -1.27 -7.35 42.01
C GLY A 438 -2.76 -7.70 42.10
N LYS A 439 -3.28 -8.59 41.21
CA LYS A 439 -4.72 -8.89 41.19
C LYS A 439 -5.04 -10.12 42.04
N PRO A 440 -6.26 -10.21 42.60
CA PRO A 440 -6.66 -11.44 43.31
C PRO A 440 -6.61 -12.64 42.38
N GLN A 441 -6.07 -13.75 42.88
CA GLN A 441 -5.81 -14.94 42.06
C GLN A 441 -6.98 -15.91 42.23
N LEU A 442 -8.07 -15.62 41.52
CA LEU A 442 -9.32 -16.35 41.68
C LEU A 442 -9.94 -16.64 40.32
N THR A 443 -10.67 -17.75 40.21
CA THR A 443 -11.26 -18.11 38.91
C THR A 443 -12.29 -17.11 38.41
N PRO A 444 -13.25 -16.63 39.21
CA PRO A 444 -14.23 -15.66 38.66
C PRO A 444 -13.61 -14.32 38.28
N VAL A 445 -12.49 -13.94 38.89
CA VAL A 445 -11.80 -12.71 38.47
C VAL A 445 -11.20 -12.90 37.09
N ALA A 446 -10.54 -14.04 36.86
CA ALA A 446 -9.94 -14.33 35.55
C ALA A 446 -11.01 -14.39 34.45
N ILE A 447 -12.18 -14.96 34.75
CA ILE A 447 -13.27 -15.03 33.77
C ILE A 447 -13.80 -13.65 33.43
N GLN A 448 -14.09 -12.83 34.46
CA GLN A 448 -14.58 -11.48 34.19
C GLN A 448 -13.55 -10.66 33.40
N ALA A 449 -12.28 -10.75 33.80
CA ALA A 449 -11.25 -9.99 33.08
C ALA A 449 -11.20 -10.40 31.62
N GLY A 450 -11.27 -11.71 31.35
CA GLY A 450 -11.16 -12.18 29.97
C GLY A 450 -12.34 -11.78 29.11
N ARG A 451 -13.56 -11.93 29.63
CA ARG A 451 -14.75 -11.57 28.85
C ARG A 451 -14.80 -10.06 28.62
N TYR A 452 -14.53 -9.27 29.66
CA TYR A 452 -14.62 -7.82 29.50
C TYR A 452 -13.56 -7.31 28.51
N LEU A 453 -12.35 -7.89 28.56
CA LEU A 453 -11.28 -7.51 27.61
C LEU A 453 -11.64 -7.85 26.17
N ALA A 454 -12.18 -9.05 25.92
CA ALA A 454 -12.60 -9.39 24.56
C ALA A 454 -13.62 -8.40 24.01
N ARG A 455 -14.54 -7.94 24.85
CA ARG A 455 -15.55 -6.99 24.38
C ARG A 455 -14.93 -5.64 24.06
N ARG A 456 -13.92 -5.23 24.81
CA ARG A 456 -13.26 -3.96 24.49
C ARG A 456 -12.44 -4.06 23.21
N LEU A 457 -11.78 -5.20 22.98
CA LEU A 457 -10.96 -5.35 21.76
C LEU A 457 -11.81 -5.45 20.50
N PHE A 458 -12.93 -6.18 20.55
CA PHE A 458 -13.61 -6.53 19.30
C PHE A 458 -15.04 -6.02 19.18
N ALA A 459 -15.60 -5.39 20.22
CA ALA A 459 -16.96 -4.85 20.13
C ALA A 459 -17.07 -3.40 20.59
N GLY A 460 -15.96 -2.69 20.76
CA GLY A 460 -16.03 -1.29 21.14
C GLY A 460 -16.52 -1.00 22.54
N ALA A 461 -16.56 -2.01 23.43
CA ALA A 461 -16.98 -1.77 24.79
C ALA A 461 -15.95 -0.92 25.53
N THR A 462 -16.37 -0.30 26.64
CA THR A 462 -15.46 0.47 27.47
C THR A 462 -15.37 -0.01 28.92
N GLU A 463 -16.25 -0.90 29.36
CA GLU A 463 -16.26 -1.33 30.77
C GLU A 463 -14.97 -2.02 31.18
N LEU A 464 -14.42 -1.61 32.31
CA LEU A 464 -13.25 -2.23 32.92
C LEU A 464 -13.67 -3.25 33.98
N THR A 465 -12.77 -4.19 34.26
CA THR A 465 -12.95 -5.07 35.42
C THR A 465 -12.64 -4.33 36.73
N ASP A 466 -13.49 -4.52 37.75
CA ASP A 466 -13.29 -3.91 39.07
C ASP A 466 -12.73 -4.97 40.01
N TYR A 467 -11.49 -4.77 40.47
CA TYR A 467 -10.78 -5.75 41.29
C TYR A 467 -10.88 -5.48 42.80
N SER A 468 -11.67 -4.50 43.25
CA SER A 468 -11.73 -4.15 44.66
C SER A 468 -12.83 -4.93 45.38
N ASN A 469 -12.58 -5.24 46.66
CA ASN A 469 -13.58 -5.86 47.55
C ASN A 469 -14.14 -7.17 46.97
N VAL A 470 -13.28 -7.97 46.35
CA VAL A 470 -13.70 -9.26 45.78
C VAL A 470 -13.81 -10.27 46.90
N ALA A 471 -14.98 -10.90 47.04
CA ALA A 471 -15.20 -11.82 48.16
C ALA A 471 -14.51 -13.17 47.91
N THR A 472 -14.24 -13.88 49.02
CA THR A 472 -13.51 -15.16 49.02
C THR A 472 -14.20 -16.14 49.96
N THR A 473 -13.96 -17.44 49.77
CA THR A 473 -14.32 -18.42 50.80
C THR A 473 -13.26 -19.50 50.87
N VAL A 474 -12.81 -19.82 52.09
CA VAL A 474 -11.90 -20.92 52.37
C VAL A 474 -12.73 -22.13 52.79
N PHE A 475 -12.62 -23.23 52.02
CA PHE A 475 -13.50 -24.38 52.25
C PHE A 475 -12.85 -25.40 53.20
N THR A 476 -12.49 -24.90 54.39
CA THR A 476 -12.04 -25.74 55.50
C THR A 476 -13.23 -26.49 56.12
N PRO A 477 -12.98 -27.48 56.99
CA PRO A 477 -14.12 -28.27 57.54
C PRO A 477 -15.24 -27.40 58.11
N LEU A 478 -14.92 -26.34 58.85
CA LEU A 478 -15.85 -25.22 59.05
C LEU A 478 -15.40 -24.08 58.15
N GLU A 479 -16.30 -23.62 57.26
CA GLU A 479 -15.94 -22.72 56.17
C GLU A 479 -15.77 -21.28 56.65
N TYR A 480 -14.94 -20.50 55.94
CA TYR A 480 -14.65 -19.10 56.29
C TYR A 480 -14.83 -18.20 55.06
N GLY A 481 -15.84 -17.33 55.11
CA GLY A 481 -16.13 -16.40 54.02
C GLY A 481 -15.78 -14.98 54.43
N ALA A 482 -15.31 -14.18 53.46
CA ALA A 482 -14.88 -12.81 53.73
C ALA A 482 -15.08 -11.92 52.51
N CYS A 483 -15.29 -10.62 52.77
CA CYS A 483 -15.34 -9.61 51.71
C CYS A 483 -14.85 -8.30 52.30
N GLY A 484 -13.75 -7.76 51.76
CA GLY A 484 -13.23 -6.47 52.22
C GLY A 484 -12.01 -6.60 53.11
N LEU A 485 -11.77 -5.60 53.97
CA LEU A 485 -10.55 -5.56 54.78
C LEU A 485 -10.61 -6.49 55.97
N SER A 486 -9.45 -7.03 56.34
CA SER A 486 -9.30 -7.60 57.67
C SER A 486 -9.37 -6.50 58.72
N GLU A 487 -9.61 -6.91 59.96
CA GLU A 487 -9.66 -5.94 61.06
C GLU A 487 -8.30 -5.26 61.26
N GLU A 488 -7.21 -6.03 61.22
CA GLU A 488 -5.89 -5.41 61.41
C GLU A 488 -5.50 -4.49 60.26
N ASP A 489 -5.94 -4.78 59.02
CA ASP A 489 -5.68 -3.82 57.93
C ASP A 489 -6.51 -2.55 58.07
N ALA A 490 -7.76 -2.67 58.55
CA ALA A 490 -8.59 -1.49 58.72
C ALA A 490 -7.98 -0.55 59.76
N ILE A 491 -7.49 -1.12 60.86
CA ILE A 491 -6.91 -0.33 61.95
C ILE A 491 -5.61 0.35 61.49
N GLU A 492 -4.73 -0.40 60.81
CA GLU A 492 -3.52 0.22 60.28
C GLU A 492 -3.83 1.37 59.34
N LYS A 493 -4.91 1.28 58.55
CA LYS A 493 -5.19 2.30 57.55
C LYS A 493 -5.88 3.53 58.14
N TYR A 494 -6.73 3.37 59.15
CA TYR A 494 -7.53 4.47 59.67
C TYR A 494 -7.29 4.80 61.13
N GLY A 495 -6.54 3.97 61.85
CA GLY A 495 -6.37 4.14 63.29
C GLY A 495 -7.47 3.50 64.11
N ASP A 496 -7.10 2.99 65.29
CA ASP A 496 -8.03 2.25 66.14
C ASP A 496 -9.24 3.09 66.56
N LYS A 497 -9.04 4.39 66.81
CA LYS A 497 -10.15 5.21 67.29
C LYS A 497 -11.24 5.41 66.24
N ASP A 498 -10.92 5.25 64.95
CA ASP A 498 -11.90 5.39 63.87
C ASP A 498 -12.54 4.07 63.46
N ILE A 499 -12.22 2.95 64.11
CA ILE A 499 -12.76 1.65 63.76
C ILE A 499 -13.66 1.14 64.88
N GLU A 500 -14.86 0.67 64.51
CA GLU A 500 -15.79 -0.02 65.39
C GLU A 500 -16.06 -1.41 64.81
N VAL A 501 -16.05 -2.43 65.67
CA VAL A 501 -16.28 -3.82 65.25
C VAL A 501 -17.48 -4.38 65.98
N TYR A 502 -18.51 -4.80 65.24
CA TYR A 502 -19.67 -5.50 65.79
C TYR A 502 -19.51 -7.00 65.56
N HIS A 503 -19.81 -7.81 66.59
CA HIS A 503 -19.56 -9.25 66.43
C HIS A 503 -20.53 -10.08 67.27
N SER A 504 -20.61 -11.37 66.93
CA SER A 504 -21.47 -12.32 67.62
C SER A 504 -21.04 -13.75 67.28
N ASN A 505 -21.10 -14.61 68.29
CA ASN A 505 -21.19 -16.04 68.04
C ASN A 505 -22.60 -16.41 67.60
N PHE A 506 -22.73 -17.62 67.04
CA PHE A 506 -24.05 -18.16 66.71
C PHE A 506 -23.96 -19.67 66.63
N LYS A 507 -25.14 -20.30 66.63
CA LYS A 507 -25.29 -21.76 66.53
C LYS A 507 -26.31 -22.09 65.44
N PRO A 508 -25.91 -22.78 64.36
CA PRO A 508 -26.89 -23.21 63.36
C PRO A 508 -28.00 -24.01 64.02
N LEU A 509 -29.25 -23.77 63.60
CA LEU A 509 -30.37 -24.56 64.14
C LEU A 509 -30.14 -26.06 63.90
N GLU A 510 -29.58 -26.42 62.74
CA GLU A 510 -29.28 -27.82 62.45
C GLU A 510 -28.35 -28.47 63.48
N TRP A 511 -27.57 -27.69 64.22
CA TRP A 511 -26.62 -28.24 65.19
C TRP A 511 -27.25 -28.52 66.56
N THR A 512 -28.51 -28.10 66.78
CA THR A 512 -29.07 -28.23 68.13
C THR A 512 -29.38 -29.68 68.45
N VAL A 513 -30.26 -30.29 67.65
CA VAL A 513 -30.63 -31.70 67.85
C VAL A 513 -29.41 -32.60 67.66
N ALA A 514 -28.43 -32.16 66.85
CA ALA A 514 -27.23 -32.97 66.61
C ALA A 514 -26.18 -32.86 67.70
N HIS A 515 -26.40 -32.02 68.73
CA HIS A 515 -25.47 -31.86 69.86
C HIS A 515 -24.07 -31.38 69.43
N ARG A 516 -24.00 -30.45 68.46
CA ARG A 516 -22.72 -29.83 68.12
C ARG A 516 -22.49 -28.56 68.94
N GLU A 517 -21.40 -27.84 68.66
CA GLU A 517 -20.85 -26.85 69.60
C GLU A 517 -21.67 -25.56 69.62
N ASP A 518 -21.75 -24.95 70.81
CA ASP A 518 -22.61 -23.77 71.04
C ASP A 518 -22.01 -22.48 70.51
N ASN A 519 -20.70 -22.31 70.62
CA ASN A 519 -20.07 -21.00 70.45
C ASN A 519 -18.77 -21.12 69.63
N VAL A 520 -18.84 -21.84 68.52
CA VAL A 520 -17.70 -21.90 67.60
C VAL A 520 -17.93 -21.04 66.37
N CYS A 521 -19.13 -21.08 65.80
CA CYS A 521 -19.44 -20.21 64.66
C CYS A 521 -19.43 -18.75 65.13
N TYR A 522 -18.99 -17.84 64.24
CA TYR A 522 -18.65 -16.46 64.60
C TYR A 522 -18.78 -15.54 63.41
N MET A 523 -19.21 -14.28 63.62
CA MET A 523 -19.22 -13.35 62.50
C MET A 523 -18.95 -11.92 63.02
N LYS A 524 -18.40 -11.07 62.15
CA LYS A 524 -18.12 -9.69 62.55
C LYS A 524 -18.20 -8.75 61.35
N LEU A 525 -18.52 -7.47 61.63
CA LEU A 525 -18.50 -6.40 60.66
C LEU A 525 -17.50 -5.35 61.16
N VAL A 526 -16.54 -4.99 60.31
CA VAL A 526 -15.49 -4.02 60.64
C VAL A 526 -15.88 -2.71 59.96
N CYS A 527 -16.13 -1.65 60.76
CA CYS A 527 -16.77 -0.44 60.25
C CYS A 527 -15.94 0.81 60.52
N ARG A 528 -16.11 1.86 59.68
CA ARG A 528 -15.44 3.15 59.83
C ARG A 528 -16.36 4.20 60.44
N LYS A 529 -16.06 4.61 61.67
CA LYS A 529 -16.93 5.53 62.42
C LYS A 529 -17.16 6.83 61.67
N SER A 530 -16.08 7.45 61.17
CA SER A 530 -16.17 8.80 60.60
C SER A 530 -16.72 8.80 59.17
N ASP A 531 -16.96 7.65 58.56
CA ASP A 531 -17.64 7.61 57.27
C ASP A 531 -19.00 6.94 57.42
N ASN A 532 -19.81 7.44 58.36
CA ASN A 532 -21.19 6.97 58.56
C ASN A 532 -21.26 5.47 58.88
N MET A 533 -20.26 4.95 59.59
CA MET A 533 -20.18 3.53 59.93
C MET A 533 -20.20 2.64 58.69
N ARG A 534 -19.44 3.04 57.67
CA ARG A 534 -19.29 2.24 56.44
C ARG A 534 -18.73 0.85 56.75
N VAL A 535 -19.28 -0.19 56.13
CA VAL A 535 -18.77 -1.54 56.35
C VAL A 535 -17.50 -1.71 55.52
N LEU A 536 -16.33 -1.79 56.20
CA LEU A 536 -15.06 -1.97 55.52
C LEU A 536 -14.76 -3.45 55.25
N GLY A 537 -15.22 -4.35 56.13
CA GLY A 537 -15.00 -5.78 55.98
C GLY A 537 -16.05 -6.59 56.69
N LEU A 538 -16.37 -7.75 56.11
CA LEU A 538 -17.35 -8.73 56.60
C LEU A 538 -16.68 -10.09 56.69
N HIS A 539 -16.88 -10.82 57.80
CA HIS A 539 -16.22 -12.10 58.08
C HIS A 539 -17.20 -13.07 58.73
N VAL A 540 -17.26 -14.31 58.24
CA VAL A 540 -18.16 -15.31 58.81
C VAL A 540 -17.51 -16.69 58.79
N LEU A 541 -17.49 -17.35 59.95
CA LEU A 541 -17.06 -18.74 60.11
C LEU A 541 -18.30 -19.58 60.41
N GLY A 542 -18.66 -20.51 59.52
CA GLY A 542 -19.84 -21.34 59.71
C GLY A 542 -20.18 -22.18 58.49
N PRO A 543 -21.23 -23.00 58.58
CA PRO A 543 -21.62 -23.81 57.42
C PRO A 543 -22.10 -22.93 56.29
N ASN A 544 -21.83 -23.37 55.05
CA ASN A 544 -22.32 -22.71 53.84
C ASN A 544 -21.85 -21.25 53.75
N ALA A 545 -20.62 -20.98 54.19
CA ALA A 545 -20.14 -19.60 54.31
C ALA A 545 -20.03 -18.90 52.96
N GLY A 546 -19.80 -19.64 51.88
CA GLY A 546 -19.78 -18.99 50.57
C GLY A 546 -21.16 -18.55 50.12
N GLU A 547 -22.18 -19.38 50.38
CA GLU A 547 -23.54 -18.97 50.07
C GLU A 547 -23.94 -17.77 50.93
N ILE A 548 -23.54 -17.76 52.21
CA ILE A 548 -23.87 -16.63 53.10
C ILE A 548 -23.26 -15.33 52.56
N THR A 549 -21.96 -15.38 52.20
CA THR A 549 -21.18 -14.17 51.92
C THR A 549 -21.55 -13.54 50.57
N GLN A 550 -21.88 -14.36 49.55
CA GLN A 550 -21.97 -13.82 48.18
C GLN A 550 -22.87 -12.58 48.08
N GLY A 551 -24.11 -12.67 48.57
CA GLY A 551 -25.04 -11.56 48.35
C GLY A 551 -24.60 -10.27 49.01
N TYR A 552 -23.95 -10.38 50.18
CA TYR A 552 -23.44 -9.17 50.84
C TYR A 552 -22.34 -8.48 50.03
N ALA A 553 -21.66 -9.20 49.13
CA ALA A 553 -20.64 -8.54 48.30
C ALA A 553 -21.24 -7.49 47.40
N VAL A 554 -22.48 -7.69 46.94
CA VAL A 554 -23.17 -6.64 46.16
C VAL A 554 -23.39 -5.40 47.03
N ALA A 555 -23.84 -5.59 48.26
CA ALA A 555 -24.11 -4.44 49.12
C ALA A 555 -22.84 -3.68 49.48
N ILE A 556 -21.74 -4.39 49.73
CA ILE A 556 -20.46 -3.72 49.99
C ILE A 556 -19.96 -2.98 48.74
N LYS A 557 -20.12 -3.57 47.55
CA LYS A 557 -19.79 -2.87 46.31
C LYS A 557 -20.50 -1.52 46.21
N MET A 558 -21.77 -1.46 46.63
CA MET A 558 -22.56 -0.22 46.59
C MET A 558 -22.35 0.70 47.78
N GLY A 559 -21.46 0.36 48.71
CA GLY A 559 -21.13 1.20 49.86
C GLY A 559 -22.01 1.09 51.09
N ALA A 560 -22.39 -0.14 51.46
CA ALA A 560 -23.28 -0.36 52.59
C ALA A 560 -22.68 0.16 53.90
N THR A 561 -23.56 0.66 54.76
CA THR A 561 -23.21 1.06 56.12
C THR A 561 -23.88 0.12 57.12
N LYS A 562 -23.48 0.25 58.39
CA LYS A 562 -24.16 -0.52 59.43
C LYS A 562 -25.65 -0.23 59.45
N ALA A 563 -26.05 1.01 59.16
CA ALA A 563 -27.48 1.33 59.16
C ALA A 563 -28.22 0.56 58.08
N ASP A 564 -27.56 0.25 56.96
CA ASP A 564 -28.23 -0.53 55.91
C ASP A 564 -28.47 -1.97 56.35
N PHE A 565 -27.50 -2.55 57.07
CA PHE A 565 -27.71 -3.88 57.65
C PHE A 565 -28.82 -3.86 58.69
N ASP A 566 -28.88 -2.81 59.52
CA ASP A 566 -29.90 -2.75 60.56
C ASP A 566 -31.32 -2.64 60.01
N ARG A 567 -31.53 -1.85 58.95
CA ARG A 567 -32.90 -1.66 58.44
C ARG A 567 -33.37 -2.81 57.57
N THR A 568 -32.48 -3.67 57.10
CA THR A 568 -32.86 -4.87 56.37
C THR A 568 -33.32 -5.96 57.34
N ILE A 569 -34.43 -6.64 57.02
CA ILE A 569 -35.03 -7.64 57.93
C ILE A 569 -34.44 -9.03 57.65
N GLY A 570 -34.24 -9.82 58.72
CA GLY A 570 -33.71 -11.16 58.54
C GLY A 570 -34.71 -12.16 57.97
N ILE A 571 -34.16 -13.24 57.39
CA ILE A 571 -34.90 -14.47 57.03
C ILE A 571 -34.67 -15.51 58.12
N HIS A 572 -35.75 -16.05 58.71
CA HIS A 572 -35.68 -16.98 59.85
C HIS A 572 -36.31 -18.34 59.50
N PRO A 573 -35.68 -19.47 59.88
CA PRO A 573 -34.38 -19.59 60.57
C PRO A 573 -33.21 -19.80 59.60
N THR A 574 -32.18 -18.95 59.65
CA THR A 574 -30.96 -19.06 58.84
C THR A 574 -29.76 -18.65 59.68
N CYS A 575 -28.56 -19.09 59.27
CA CYS A 575 -27.34 -18.53 59.84
C CYS A 575 -27.15 -17.07 59.42
N SER A 576 -27.41 -16.78 58.14
CA SER A 576 -27.07 -15.46 57.59
C SER A 576 -27.80 -14.33 58.33
N GLU A 577 -28.98 -14.58 58.88
CA GLU A 577 -29.78 -13.48 59.45
C GLU A 577 -29.09 -12.84 60.64
N THR A 578 -28.14 -13.52 61.29
CA THR A 578 -27.42 -12.92 62.40
C THR A 578 -26.72 -11.61 61.99
N PHE A 579 -26.40 -11.43 60.70
CA PHE A 579 -25.79 -10.17 60.27
C PHE A 579 -26.75 -8.99 60.37
N THR A 580 -28.07 -9.23 60.43
CA THR A 580 -29.01 -8.12 60.40
C THR A 580 -29.32 -7.54 61.77
N THR A 581 -28.84 -8.17 62.85
CA THR A 581 -29.17 -7.73 64.21
C THR A 581 -27.93 -7.57 65.10
N LEU A 582 -26.73 -7.46 64.53
CA LEU A 582 -25.53 -7.32 65.34
C LEU A 582 -25.58 -6.04 66.18
N HIS A 583 -25.05 -6.11 67.41
CA HIS A 583 -25.08 -4.95 68.32
C HIS A 583 -23.93 -4.88 69.33
N VAL A 584 -23.30 -6.02 69.65
CA VAL A 584 -22.19 -6.03 70.61
C VAL A 584 -20.92 -5.51 69.93
N THR A 585 -20.33 -4.45 70.49
CA THR A 585 -19.06 -3.92 69.97
C THR A 585 -17.89 -4.53 70.73
N LYS A 586 -16.73 -4.61 70.06
CA LYS A 586 -15.53 -5.08 70.74
C LYS A 586 -15.08 -4.08 71.81
N LYS A 587 -15.23 -2.78 71.54
CA LYS A 587 -14.81 -1.79 72.53
C LYS A 587 -15.60 -1.90 73.83
N SER A 588 -16.86 -2.34 73.77
CA SER A 588 -17.69 -2.42 74.96
C SER A 588 -17.18 -3.48 75.92
N GLY A 589 -16.39 -4.44 75.45
CA GLY A 589 -15.98 -5.57 76.27
C GLY A 589 -17.06 -6.59 76.58
N VAL A 590 -18.29 -6.43 76.07
CA VAL A 590 -19.35 -7.38 76.36
C VAL A 590 -19.10 -8.68 75.57
N SER A 591 -19.44 -9.81 76.18
CA SER A 591 -19.17 -11.11 75.56
C SER A 591 -19.99 -11.30 74.28
N PRO A 592 -19.39 -11.88 73.23
CA PRO A 592 -20.17 -12.18 72.02
C PRO A 592 -20.90 -13.50 72.07
N ILE A 593 -20.78 -14.28 73.15
CA ILE A 593 -21.48 -15.58 73.20
C ILE A 593 -22.99 -15.36 73.23
N VAL A 594 -23.71 -16.38 72.76
CA VAL A 594 -25.14 -16.27 72.55
C VAL A 594 -25.93 -17.06 73.58
N GLY B 7 8.61 49.45 -56.87
CA GLY B 7 8.15 48.39 -55.99
C GLY B 7 7.36 47.32 -56.72
N THR B 8 6.18 47.71 -57.24
CA THR B 8 5.39 46.80 -58.05
C THR B 8 6.17 46.35 -59.28
N SER B 9 6.95 47.26 -59.88
CA SER B 9 7.72 46.91 -61.06
C SER B 9 8.75 45.82 -60.75
N GLN B 10 9.38 45.88 -59.57
CA GLN B 10 10.41 44.90 -59.25
C GLN B 10 9.81 43.53 -58.95
N TRP B 11 8.62 43.48 -58.35
CA TRP B 11 7.95 42.19 -58.16
C TRP B 11 7.64 41.54 -59.50
N LEU B 12 7.13 42.32 -60.45
CA LEU B 12 6.65 41.71 -61.69
C LEU B 12 7.83 41.18 -62.51
N ARG B 13 8.95 41.92 -62.50
CA ARG B 13 10.16 41.47 -63.18
C ARG B 13 10.66 40.15 -62.60
N LYS B 14 10.70 40.06 -61.27
CA LYS B 14 11.16 38.83 -60.61
C LYS B 14 10.26 37.65 -60.96
N THR B 15 8.94 37.89 -60.99
CA THR B 15 7.99 36.83 -61.28
C THR B 15 8.13 36.33 -62.72
N VAL B 16 8.29 37.26 -63.67
CA VAL B 16 8.39 36.85 -65.07
C VAL B 16 9.67 36.06 -65.32
N ASP B 17 10.80 36.48 -64.73
CA ASP B 17 12.06 35.81 -64.99
C ASP B 17 12.12 34.40 -64.40
N SER B 18 11.38 34.15 -63.32
CA SER B 18 11.47 32.90 -62.57
C SER B 18 10.39 31.89 -62.94
N ALA B 19 9.18 32.35 -63.28
CA ALA B 19 8.09 31.44 -63.59
C ALA B 19 8.41 30.60 -64.82
N ALA B 20 8.01 29.33 -64.79
CA ALA B 20 8.19 28.45 -65.95
C ALA B 20 7.16 28.77 -67.03
N VAL B 21 5.88 28.73 -66.67
CA VAL B 21 4.77 29.11 -67.56
C VAL B 21 3.77 29.89 -66.72
N ILE B 22 3.48 31.13 -67.11
CA ILE B 22 2.57 31.96 -66.32
C ILE B 22 1.64 32.76 -67.23
N LEU B 23 0.36 32.76 -66.89
CA LEU B 23 -0.69 33.48 -67.59
C LEU B 23 -1.16 34.65 -66.74
N PHE B 24 -1.15 35.85 -67.30
CA PHE B 24 -1.77 37.02 -66.67
C PHE B 24 -3.16 37.17 -67.25
N SER B 25 -4.17 37.15 -66.37
CA SER B 25 -5.55 36.95 -66.80
C SER B 25 -6.50 37.80 -65.96
N LYS B 26 -7.77 37.81 -66.36
CA LYS B 26 -8.87 38.32 -65.56
C LYS B 26 -9.98 37.29 -65.53
N THR B 27 -10.68 37.22 -64.38
CA THR B 27 -11.73 36.22 -64.21
C THR B 27 -12.88 36.47 -65.18
N THR B 28 -13.10 37.74 -65.55
CA THR B 28 -14.25 38.13 -66.36
C THR B 28 -14.02 37.95 -67.86
N CYS B 29 -12.77 37.88 -68.31
CA CYS B 29 -12.45 37.91 -69.73
C CYS B 29 -12.72 36.55 -70.39
N PRO B 30 -13.54 36.49 -71.45
CA PRO B 30 -13.68 35.23 -72.19
C PRO B 30 -12.51 34.93 -73.12
N TYR B 31 -11.71 35.94 -73.51
CA TYR B 31 -10.48 35.64 -74.22
C TYR B 31 -9.49 34.91 -73.31
N CYS B 32 -9.53 35.19 -72.01
CA CYS B 32 -8.70 34.45 -71.06
C CYS B 32 -9.23 33.03 -70.88
N LYS B 33 -10.55 32.89 -70.70
CA LYS B 33 -11.16 31.57 -70.64
C LYS B 33 -10.78 30.74 -71.87
N LYS B 34 -10.67 31.41 -73.03
CA LYS B 34 -10.32 30.72 -74.27
C LYS B 34 -8.91 30.16 -74.21
N VAL B 35 -7.97 30.92 -73.64
CA VAL B 35 -6.58 30.47 -73.57
C VAL B 35 -6.40 29.42 -72.49
N LYS B 36 -7.08 29.57 -71.35
CA LYS B 36 -7.01 28.57 -70.29
C LYS B 36 -7.42 27.20 -70.80
N ASP B 37 -8.53 27.15 -71.56
CA ASP B 37 -9.04 25.87 -72.06
C ASP B 37 -8.07 25.24 -73.05
N VAL B 38 -7.41 26.06 -73.88
CA VAL B 38 -6.40 25.55 -74.80
C VAL B 38 -5.26 24.88 -74.04
N LEU B 39 -4.72 25.57 -73.03
CA LEU B 39 -3.61 25.03 -72.27
C LEU B 39 -3.99 23.75 -71.53
N ALA B 40 -5.22 23.69 -71.03
CA ALA B 40 -5.69 22.48 -70.34
C ALA B 40 -5.74 21.29 -71.28
N GLU B 41 -6.27 21.49 -72.49
CA GLU B 41 -6.37 20.40 -73.45
C GLU B 41 -4.99 19.90 -73.88
N ALA B 42 -4.04 20.82 -74.07
CA ALA B 42 -2.68 20.44 -74.39
C ALA B 42 -1.91 19.91 -73.19
N LYS B 43 -2.56 19.83 -72.02
CA LYS B 43 -1.92 19.35 -70.78
C LYS B 43 -0.68 20.18 -70.45
N ILE B 44 -0.81 21.49 -70.56
CA ILE B 44 0.25 22.43 -70.20
C ILE B 44 -0.11 23.05 -68.86
N LYS B 45 0.64 22.68 -67.82
CA LYS B 45 0.46 23.26 -66.50
C LYS B 45 1.15 24.62 -66.41
N HIS B 46 0.56 25.52 -65.64
CA HIS B 46 1.03 26.89 -65.57
C HIS B 46 0.48 27.57 -64.32
N ALA B 47 1.15 28.65 -63.92
CA ALA B 47 0.62 29.55 -62.92
C ALA B 47 -0.32 30.56 -63.56
N THR B 48 -1.20 31.15 -62.74
CA THR B 48 -2.14 32.16 -63.21
C THR B 48 -2.21 33.30 -62.21
N ILE B 49 -2.17 34.54 -62.71
CA ILE B 49 -2.32 35.73 -61.89
C ILE B 49 -3.56 36.46 -62.39
N GLU B 50 -4.58 36.56 -61.54
CA GLU B 50 -5.84 37.23 -61.89
C GLU B 50 -5.75 38.69 -61.45
N LEU B 51 -5.61 39.61 -62.41
CA LEU B 51 -5.35 41.00 -62.05
C LEU B 51 -6.58 41.69 -61.46
N ASP B 52 -7.78 41.27 -61.86
CA ASP B 52 -9.00 41.86 -61.28
C ASP B 52 -9.23 41.47 -59.82
N GLN B 53 -8.29 40.76 -59.19
CA GLN B 53 -8.45 40.34 -57.81
C GLN B 53 -7.24 40.70 -56.96
N LEU B 54 -6.45 41.68 -57.39
CA LEU B 54 -5.33 42.19 -56.61
C LEU B 54 -5.54 43.67 -56.32
N SER B 55 -5.00 44.10 -55.18
CA SER B 55 -5.09 45.50 -54.78
C SER B 55 -4.65 46.42 -55.91
N ASN B 56 -3.45 46.21 -56.43
CA ASN B 56 -2.91 47.09 -57.45
C ASN B 56 -2.69 46.37 -58.78
N GLY B 57 -3.67 45.57 -59.20
CA GLY B 57 -3.63 44.94 -60.50
C GLY B 57 -3.66 45.89 -61.68
N SER B 58 -4.15 47.12 -61.47
CA SER B 58 -4.19 48.09 -62.55
C SER B 58 -2.79 48.61 -62.87
N ALA B 59 -1.95 48.77 -61.86
CA ALA B 59 -0.56 49.17 -62.09
C ALA B 59 0.23 48.05 -62.75
N ILE B 60 -0.03 46.80 -62.36
CA ILE B 60 0.68 45.66 -62.94
C ILE B 60 0.38 45.56 -64.42
N GLN B 61 -0.90 45.73 -64.78
CA GLN B 61 -1.32 45.64 -66.18
C GLN B 61 -0.54 46.61 -67.06
N LYS B 62 -0.37 47.84 -66.59
CA LYS B 62 0.44 48.80 -67.34
C LYS B 62 1.91 48.41 -67.35
N CYS B 63 2.38 47.76 -66.28
CA CYS B 63 3.80 47.43 -66.19
C CYS B 63 4.16 46.24 -67.08
N LEU B 64 3.19 45.36 -67.36
CA LEU B 64 3.42 44.25 -68.29
C LEU B 64 3.89 44.74 -69.65
N ALA B 65 3.52 45.97 -70.03
CA ALA B 65 3.88 46.49 -71.34
C ALA B 65 5.39 46.60 -71.53
N SER B 66 6.14 46.75 -70.44
CA SER B 66 7.59 46.84 -70.54
C SER B 66 8.23 45.56 -71.09
N PHE B 67 7.51 44.44 -71.07
CA PHE B 67 8.00 43.18 -71.62
C PHE B 67 7.32 42.80 -72.92
N SER B 68 6.02 43.09 -73.07
CA SER B 68 5.24 42.67 -74.22
C SER B 68 4.90 43.79 -75.19
N LYS B 69 5.03 45.05 -74.76
CA LYS B 69 4.59 46.24 -75.47
C LYS B 69 3.08 46.26 -75.70
N ILE B 70 2.31 45.52 -74.91
CA ILE B 70 0.85 45.63 -74.90
C ILE B 70 0.39 45.74 -73.45
N GLU B 71 -0.81 46.30 -73.28
CA GLU B 71 -1.36 46.56 -71.96
C GLU B 71 -2.63 45.75 -71.68
N THR B 72 -2.97 44.81 -72.55
CA THR B 72 -4.20 44.05 -72.43
C THR B 72 -3.93 42.69 -71.79
N VAL B 73 -5.00 41.93 -71.66
CA VAL B 73 -4.99 40.62 -71.00
C VAL B 73 -5.85 39.71 -71.87
N PRO B 74 -5.44 38.46 -72.16
CA PRO B 74 -4.33 37.69 -71.57
C PRO B 74 -2.94 37.98 -72.13
N GLN B 75 -1.93 37.71 -71.31
CA GLN B 75 -0.53 37.68 -71.71
C GLN B 75 0.11 36.42 -71.11
N MET B 76 0.78 35.63 -71.95
CA MET B 76 1.39 34.38 -71.51
C MET B 76 2.90 34.45 -71.73
N PHE B 77 3.66 34.06 -70.70
CA PHE B 77 5.12 34.04 -70.74
C PHE B 77 5.62 32.63 -70.47
N VAL B 78 6.79 32.31 -71.02
CA VAL B 78 7.46 31.04 -70.77
C VAL B 78 8.90 31.36 -70.44
N ARG B 79 9.32 31.01 -69.21
CA ARG B 79 10.71 31.14 -68.78
C ARG B 79 11.27 32.53 -69.09
N GLY B 80 10.47 33.56 -68.80
CA GLY B 80 10.90 34.93 -68.91
C GLY B 80 10.65 35.59 -70.24
N LYS B 81 10.09 34.87 -71.21
CA LYS B 81 9.90 35.35 -72.57
C LYS B 81 8.42 35.53 -72.85
N PHE B 82 8.05 36.70 -73.38
CA PHE B 82 6.66 36.91 -73.78
C PHE B 82 6.34 36.05 -75.01
N ILE B 83 5.22 35.34 -74.95
CA ILE B 83 4.85 34.41 -76.00
C ILE B 83 3.76 34.97 -76.90
N GLY B 84 2.73 35.59 -76.35
CA GLY B 84 1.72 36.21 -77.18
C GLY B 84 0.41 36.45 -76.46
N ASP B 85 -0.50 37.08 -77.20
CA ASP B 85 -1.86 37.32 -76.72
C ASP B 85 -2.76 36.16 -77.18
N SER B 86 -4.09 36.36 -77.17
CA SER B 86 -5.01 35.30 -77.55
C SER B 86 -4.77 34.80 -78.97
N GLN B 87 -4.82 35.71 -79.96
CA GLN B 87 -4.62 35.30 -81.36
C GLN B 87 -3.31 34.52 -81.53
N THR B 88 -2.23 35.01 -80.93
CA THR B 88 -0.91 34.42 -81.16
C THR B 88 -0.79 33.03 -80.54
N VAL B 89 -1.33 32.85 -79.33
CA VAL B 89 -1.26 31.54 -78.69
C VAL B 89 -2.07 30.52 -79.49
N LEU B 90 -3.28 30.91 -79.93
CA LEU B 90 -4.08 29.99 -80.72
C LEU B 90 -3.46 29.73 -82.09
N LYS B 91 -2.72 30.71 -82.64
CA LYS B 91 -1.91 30.46 -83.83
C LYS B 91 -0.93 29.32 -83.60
N TYR B 92 -0.19 29.38 -82.49
CA TYR B 92 0.79 28.33 -82.20
C TYR B 92 0.11 26.99 -81.98
N TYR B 93 -1.06 26.98 -81.33
CA TYR B 93 -1.79 25.74 -81.09
C TYR B 93 -2.28 25.12 -82.39
N SER B 94 -2.81 25.94 -83.31
CA SER B 94 -3.34 25.42 -84.56
C SER B 94 -2.23 24.90 -85.47
N ASN B 95 -1.03 25.49 -85.41
CA ASN B 95 0.10 25.09 -86.23
C ASN B 95 0.97 24.01 -85.58
N ASP B 96 0.54 23.46 -84.43
CA ASP B 96 1.32 22.48 -83.67
C ASP B 96 2.73 23.01 -83.37
N GLU B 97 2.81 24.28 -83.00
CA GLU B 97 4.05 24.91 -82.57
C GLU B 97 4.10 25.17 -81.07
N LEU B 98 2.98 24.97 -80.36
CA LEU B 98 2.91 25.32 -78.94
C LEU B 98 3.82 24.44 -78.09
N ALA B 99 3.68 23.11 -78.22
CA ALA B 99 4.43 22.19 -77.35
C ALA B 99 5.92 22.47 -77.39
N GLY B 100 6.45 22.77 -78.58
CA GLY B 100 7.87 23.07 -78.69
C GLY B 100 8.27 24.34 -77.97
N ILE B 101 7.41 25.37 -78.03
CA ILE B 101 7.74 26.64 -77.41
C ILE B 101 7.78 26.52 -75.89
N VAL B 102 6.75 25.89 -75.30
CA VAL B 102 6.67 25.79 -73.85
C VAL B 102 7.71 24.85 -73.25
N ASN B 103 8.37 24.04 -74.07
CA ASN B 103 9.36 23.09 -73.58
C ASN B 103 10.80 23.53 -73.83
N GLU B 104 11.02 24.65 -74.51
CA GLU B 104 12.38 25.13 -74.73
C GLU B 104 12.94 25.72 -73.45
N SER B 105 14.12 25.25 -73.07
CA SER B 105 14.78 25.73 -71.87
C SER B 105 16.29 25.64 -72.05
N LYS B 106 17.00 26.55 -71.38
CA LYS B 106 18.45 26.47 -71.33
C LYS B 106 18.93 25.28 -70.50
N TYR B 107 18.05 24.70 -69.68
CA TYR B 107 18.43 23.68 -68.72
C TYR B 107 17.54 22.46 -68.88
N ASP B 108 18.04 21.31 -68.40
CA ASP B 108 17.22 20.10 -68.40
C ASP B 108 15.96 20.27 -67.55
N TYR B 109 16.06 20.99 -66.43
CA TYR B 109 14.94 21.12 -65.49
C TYR B 109 14.82 22.56 -65.00
N ASP B 110 13.59 22.99 -64.75
CA ASP B 110 13.39 24.26 -64.04
C ASP B 110 13.84 24.17 -62.58
N LEU B 111 13.73 22.98 -61.97
CA LEU B 111 14.08 22.80 -60.56
C LEU B 111 14.69 21.43 -60.37
N ILE B 112 15.82 21.35 -59.66
CA ILE B 112 16.35 20.10 -59.16
C ILE B 112 16.34 20.16 -57.63
N VAL B 113 15.67 19.21 -56.98
CA VAL B 113 15.71 19.06 -55.54
C VAL B 113 16.68 17.93 -55.20
N ILE B 114 17.71 18.23 -54.41
CA ILE B 114 18.61 17.20 -53.89
C ILE B 114 18.11 16.80 -52.51
N GLY B 115 17.51 15.61 -52.40
CA GLY B 115 17.01 15.12 -51.13
C GLY B 115 15.52 14.88 -51.18
N GLY B 116 15.10 13.62 -50.98
CA GLY B 116 13.69 13.28 -51.05
C GLY B 116 13.03 12.99 -49.71
N GLY B 117 13.11 13.97 -48.79
CA GLY B 117 12.51 13.85 -47.48
C GLY B 117 11.37 14.83 -47.28
N SER B 118 11.11 15.16 -46.01
CA SER B 118 9.99 16.01 -45.64
C SER B 118 9.95 17.29 -46.47
N GLY B 119 11.03 18.08 -46.46
CA GLY B 119 11.01 19.34 -47.18
C GLY B 119 11.13 19.19 -48.68
N GLY B 120 11.97 18.26 -49.12
CA GLY B 120 12.25 18.13 -50.54
C GLY B 120 11.06 17.65 -51.33
N LEU B 121 10.36 16.62 -50.84
CA LEU B 121 9.18 16.13 -51.56
C LEU B 121 8.08 17.19 -51.59
N ALA B 122 7.94 17.97 -50.51
CA ALA B 122 6.91 19.01 -50.49
C ALA B 122 7.22 20.13 -51.49
N ALA B 123 8.47 20.56 -51.55
CA ALA B 123 8.91 21.56 -52.54
C ALA B 123 8.69 21.06 -53.97
N GLY B 124 9.11 19.83 -54.25
CA GLY B 124 9.05 19.34 -55.63
C GLY B 124 7.63 19.20 -56.16
N LYS B 125 6.74 18.67 -55.32
CA LYS B 125 5.34 18.52 -55.71
C LYS B 125 4.67 19.87 -55.92
N GLU B 126 4.94 20.84 -55.05
CA GLU B 126 4.30 22.14 -55.19
C GLU B 126 4.79 22.87 -56.43
N ALA B 127 6.08 22.78 -56.73
CA ALA B 127 6.63 23.44 -57.92
C ALA B 127 6.01 22.88 -59.20
N ALA B 128 5.88 21.55 -59.27
CA ALA B 128 5.31 20.93 -60.45
C ALA B 128 3.88 21.39 -60.72
N LYS B 129 3.14 21.76 -59.67
CA LYS B 129 1.76 22.24 -59.85
C LYS B 129 1.68 23.49 -60.69
N TYR B 130 2.74 24.29 -60.72
CA TYR B 130 2.74 25.55 -61.46
C TYR B 130 3.50 25.44 -62.77
N GLY B 131 3.75 24.22 -63.23
CA GLY B 131 4.35 24.02 -64.54
C GLY B 131 5.86 23.94 -64.57
N ALA B 132 6.52 23.99 -63.41
CA ALA B 132 7.96 23.81 -63.39
C ALA B 132 8.31 22.35 -63.69
N LYS B 133 9.26 22.15 -64.60
CA LYS B 133 9.76 20.81 -64.91
C LYS B 133 10.78 20.43 -63.84
N THR B 134 10.48 19.39 -63.06
CA THR B 134 11.12 19.15 -61.77
C THR B 134 11.71 17.75 -61.67
N ALA B 135 12.88 17.65 -61.05
CA ALA B 135 13.48 16.38 -60.66
C ALA B 135 13.72 16.36 -59.15
N VAL B 136 13.42 15.23 -58.52
CA VAL B 136 13.71 14.98 -57.11
C VAL B 136 14.69 13.81 -57.03
N LEU B 137 15.85 14.04 -56.40
CA LEU B 137 16.88 13.04 -56.20
C LEU B 137 16.85 12.57 -54.76
N ASP B 138 16.88 11.24 -54.55
CA ASP B 138 16.98 10.68 -53.21
C ASP B 138 17.83 9.42 -53.19
N TYR B 139 18.71 9.35 -52.19
CA TYR B 139 19.60 8.21 -51.96
C TYR B 139 19.78 8.06 -50.45
N VAL B 140 19.68 6.84 -49.94
CA VAL B 140 19.84 6.55 -48.51
C VAL B 140 21.14 5.77 -48.34
N GLU B 141 22.18 6.46 -47.89
CA GLU B 141 23.44 5.80 -47.56
C GLU B 141 23.22 4.84 -46.38
N PRO B 142 23.64 3.58 -46.50
CA PRO B 142 23.36 2.61 -45.42
C PRO B 142 24.08 2.93 -44.13
N THR B 143 23.51 2.43 -43.03
CA THR B 143 24.15 2.56 -41.72
C THR B 143 25.35 1.63 -41.66
N PRO B 144 26.21 1.75 -40.62
CA PRO B 144 27.36 0.84 -40.51
C PRO B 144 27.03 -0.64 -40.52
N ILE B 145 25.88 -1.07 -39.97
CA ILE B 145 25.53 -2.48 -40.09
C ILE B 145 24.75 -2.79 -41.37
N GLY B 146 24.52 -1.79 -42.23
CA GLY B 146 23.90 -2.01 -43.52
C GLY B 146 22.42 -1.70 -43.66
N THR B 147 21.80 -1.08 -42.66
CA THR B 147 20.37 -0.76 -42.74
C THR B 147 20.10 0.33 -43.78
N THR B 148 19.03 0.13 -44.57
CA THR B 148 18.58 1.10 -45.57
C THR B 148 17.05 1.05 -45.65
N TRP B 149 16.45 2.01 -46.37
CA TRP B 149 14.99 2.19 -46.44
C TRP B 149 14.63 3.00 -47.69
N GLY B 150 13.33 3.24 -47.89
CA GLY B 150 12.81 3.79 -49.12
C GLY B 150 12.56 5.29 -49.09
N LEU B 151 11.81 5.75 -50.10
CA LEU B 151 11.58 7.18 -50.30
C LEU B 151 10.77 7.80 -49.15
N GLY B 152 11.15 9.02 -48.77
CA GLY B 152 10.35 9.77 -47.81
C GLY B 152 11.11 10.49 -46.69
N GLY B 153 12.38 10.16 -46.48
CA GLY B 153 13.21 10.89 -45.53
C GLY B 153 13.19 10.35 -44.12
N THR B 154 13.81 11.12 -43.20
CA THR B 154 14.02 10.65 -41.83
C THR B 154 12.72 10.45 -41.07
N CYS B 155 11.79 11.40 -41.17
CA CYS B 155 10.56 11.31 -40.38
C CYS B 155 9.76 10.06 -40.77
N VAL B 156 9.59 9.83 -42.07
CA VAL B 156 8.75 8.73 -42.57
C VAL B 156 9.33 7.38 -42.18
N ASN B 157 10.64 7.21 -42.36
CA ASN B 157 11.29 5.88 -42.27
C ASN B 157 11.93 5.57 -40.93
N VAL B 158 12.58 6.54 -40.28
CA VAL B 158 13.35 6.28 -39.06
C VAL B 158 13.20 7.42 -38.05
N GLY B 159 12.01 8.01 -37.99
CA GLY B 159 11.78 9.20 -37.17
C GLY B 159 10.37 9.31 -36.60
N CYS B 160 9.69 10.45 -36.86
CA CYS B 160 8.43 10.75 -36.18
C CYS B 160 7.41 9.63 -36.31
N ILE B 161 7.30 9.01 -37.48
CA ILE B 161 6.25 8.03 -37.76
C ILE B 161 6.48 6.74 -36.99
N PRO B 162 7.59 6.01 -37.18
CA PRO B 162 7.77 4.78 -36.39
C PRO B 162 7.91 5.04 -34.90
N LYS B 163 8.54 6.16 -34.48
CA LYS B 163 8.71 6.34 -33.04
C LYS B 163 7.35 6.60 -32.37
N LYS B 164 6.43 7.34 -33.02
CA LYS B 164 5.13 7.54 -32.38
C LYS B 164 4.28 6.28 -32.42
N LEU B 165 4.47 5.42 -33.44
CA LEU B 165 3.77 4.14 -33.42
C LEU B 165 4.25 3.24 -32.29
N MET B 166 5.56 3.18 -32.05
CA MET B 166 6.07 2.40 -30.92
C MET B 166 5.70 3.04 -29.57
N HIS B 167 5.68 4.37 -29.49
CA HIS B 167 5.12 5.06 -28.31
C HIS B 167 3.67 4.63 -28.05
N GLN B 168 2.84 4.52 -29.10
CA GLN B 168 1.45 4.10 -28.90
C GLN B 168 1.40 2.65 -28.39
N ALA B 169 2.28 1.79 -28.89
CA ALA B 169 2.31 0.43 -28.37
C ALA B 169 2.66 0.42 -26.89
N GLY B 170 3.55 1.32 -26.47
CA GLY B 170 3.85 1.45 -25.05
C GLY B 170 2.69 2.00 -24.25
N LEU B 171 1.98 3.01 -24.79
CA LEU B 171 0.82 3.57 -24.09
C LEU B 171 -0.26 2.51 -23.87
N LEU B 172 -0.37 1.55 -24.78
CA LEU B 172 -1.44 0.57 -24.64
C LEU B 172 -1.19 -0.39 -23.48
N SER B 173 0.05 -0.50 -22.99
CA SER B 173 0.28 -1.32 -21.78
C SER B 173 -0.48 -0.75 -20.59
N HIS B 174 -0.51 0.57 -20.45
CA HIS B 174 -1.23 1.16 -19.33
C HIS B 174 -2.74 1.21 -19.59
N ALA B 175 -3.16 1.22 -20.85
CA ALA B 175 -4.57 1.05 -21.15
C ALA B 175 -5.06 -0.33 -20.72
N LEU B 176 -4.25 -1.37 -20.94
CA LEU B 176 -4.57 -2.71 -20.46
C LEU B 176 -4.70 -2.75 -18.93
N GLU B 177 -3.77 -2.08 -18.24
CA GLU B 177 -3.86 -2.01 -16.78
C GLU B 177 -5.12 -1.27 -16.34
N ASP B 178 -5.37 -0.10 -16.93
CA ASP B 178 -6.55 0.70 -16.57
C ASP B 178 -7.86 -0.05 -16.80
N ALA B 179 -7.92 -0.90 -17.83
CA ALA B 179 -9.19 -1.53 -18.20
C ALA B 179 -9.76 -2.38 -17.07
N GLU B 180 -8.91 -2.97 -16.22
CA GLU B 180 -9.38 -3.77 -15.10
C GLU B 180 -10.21 -2.93 -14.13
N HIS B 181 -9.73 -1.72 -13.82
CA HIS B 181 -10.42 -0.86 -12.86
C HIS B 181 -11.72 -0.31 -13.42
N PHE B 182 -11.83 -0.19 -14.75
CA PHE B 182 -13.08 0.25 -15.37
C PHE B 182 -14.06 -0.90 -15.63
N GLY B 183 -13.74 -2.11 -15.18
CA GLY B 183 -14.70 -3.21 -15.21
C GLY B 183 -14.42 -4.34 -16.18
N TRP B 184 -13.36 -4.28 -16.98
CA TRP B 184 -13.07 -5.33 -17.95
C TRP B 184 -12.32 -6.49 -17.27
N SER B 185 -12.56 -7.71 -17.77
CA SER B 185 -12.19 -8.94 -17.05
C SER B 185 -10.77 -9.42 -17.34
N LEU B 186 -9.95 -8.65 -18.04
CA LEU B 186 -8.61 -9.14 -18.37
C LEU B 186 -7.69 -9.09 -17.15
N ASP B 187 -6.62 -9.89 -17.22
CA ASP B 187 -5.57 -9.91 -16.21
C ASP B 187 -4.25 -9.46 -16.84
N ARG B 188 -3.90 -8.19 -16.61
CA ARG B 188 -2.73 -7.58 -17.24
C ARG B 188 -1.45 -8.37 -16.95
N SER B 189 -1.36 -8.99 -15.77
CA SER B 189 -0.14 -9.69 -15.37
C SER B 189 0.18 -10.89 -16.27
N LYS B 190 -0.79 -11.40 -17.04
CA LYS B 190 -0.57 -12.56 -17.87
C LYS B 190 -0.43 -12.23 -19.36
N ILE B 191 -0.24 -10.97 -19.71
CA ILE B 191 -0.12 -10.55 -21.11
C ILE B 191 1.31 -10.09 -21.36
N SER B 192 1.87 -10.45 -22.51
CA SER B 192 3.24 -10.09 -22.89
C SER B 192 3.25 -9.41 -24.26
N HIS B 193 4.40 -8.85 -24.63
CA HIS B 193 4.54 -8.17 -25.91
C HIS B 193 5.50 -8.92 -26.84
N ASN B 194 5.17 -8.91 -28.14
CA ASN B 194 5.99 -9.53 -29.20
C ASN B 194 6.57 -8.41 -30.07
N TRP B 195 7.88 -8.18 -29.93
CA TRP B 195 8.60 -7.15 -30.69
C TRP B 195 8.41 -7.31 -32.19
N SER B 196 8.65 -8.51 -32.72
CA SER B 196 8.65 -8.66 -34.16
C SER B 196 7.27 -8.48 -34.77
N THR B 197 6.19 -8.82 -34.05
CA THR B 197 4.85 -8.53 -34.56
C THR B 197 4.63 -7.03 -34.71
N MET B 198 5.05 -6.25 -33.70
CA MET B 198 5.00 -4.79 -33.78
C MET B 198 5.78 -4.26 -34.98
N VAL B 199 7.05 -4.66 -35.09
CA VAL B 199 7.91 -4.15 -36.17
C VAL B 199 7.31 -4.48 -37.53
N GLU B 200 6.73 -5.67 -37.69
CA GLU B 200 6.10 -6.00 -38.96
C GLU B 200 4.96 -5.04 -39.29
N GLY B 201 4.12 -4.70 -38.31
CA GLY B 201 3.02 -3.79 -38.58
C GLY B 201 3.50 -2.36 -38.86
N VAL B 202 4.49 -1.90 -38.09
CA VAL B 202 5.06 -0.58 -38.33
C VAL B 202 5.66 -0.51 -39.73
N GLN B 203 6.43 -1.54 -40.09
CA GLN B 203 7.12 -1.51 -41.38
C GLN B 203 6.15 -1.63 -42.56
N SER B 204 5.03 -2.33 -42.37
CA SER B 204 4.03 -2.36 -43.43
C SER B 204 3.43 -0.97 -43.67
N HIS B 205 3.19 -0.19 -42.60
CA HIS B 205 2.71 1.18 -42.80
C HIS B 205 3.75 2.04 -43.52
N ILE B 206 5.01 1.95 -43.10
CA ILE B 206 6.07 2.73 -43.74
C ILE B 206 6.17 2.37 -45.22
N GLY B 207 6.01 1.07 -45.53
CA GLY B 207 6.05 0.65 -46.94
C GLY B 207 4.93 1.28 -47.76
N SER B 208 3.76 1.45 -47.17
CA SER B 208 2.68 2.12 -47.88
C SER B 208 2.98 3.59 -48.10
N LEU B 209 3.74 4.22 -47.19
CA LEU B 209 4.15 5.60 -47.42
C LEU B 209 5.23 5.71 -48.49
N ASN B 210 6.21 4.78 -48.52
CA ASN B 210 7.20 4.78 -49.60
C ASN B 210 6.50 4.72 -50.96
N TRP B 211 5.54 3.81 -51.09
CA TRP B 211 4.85 3.64 -52.37
C TRP B 211 3.99 4.85 -52.70
N GLY B 212 3.30 5.39 -51.70
CA GLY B 212 2.46 6.57 -51.92
C GLY B 212 3.24 7.77 -52.43
N TYR B 213 4.45 7.98 -51.92
CA TYR B 213 5.26 9.09 -52.44
C TYR B 213 5.67 8.86 -53.90
N LYS B 214 6.07 7.63 -54.25
CA LYS B 214 6.43 7.38 -55.65
C LYS B 214 5.23 7.57 -56.58
N VAL B 215 4.04 7.19 -56.12
CA VAL B 215 2.82 7.42 -56.90
C VAL B 215 2.53 8.91 -57.02
N ALA B 216 2.68 9.64 -55.91
CA ALA B 216 2.44 11.08 -55.92
C ALA B 216 3.35 11.79 -56.93
N LEU B 217 4.63 11.43 -56.96
CA LEU B 217 5.56 12.09 -57.89
C LEU B 217 5.20 11.77 -59.34
N ARG B 218 4.90 10.49 -59.63
CA ARG B 218 4.51 10.14 -60.99
C ARG B 218 3.28 10.92 -61.44
N ASP B 219 2.27 11.03 -60.56
CA ASP B 219 1.03 11.71 -60.94
C ASP B 219 1.17 13.23 -61.00
N ASN B 220 2.28 13.80 -60.53
CA ASN B 220 2.55 15.22 -60.71
C ASN B 220 3.56 15.49 -61.83
N GLN B 221 3.91 14.45 -62.60
CA GLN B 221 4.93 14.57 -63.67
C GLN B 221 6.27 15.05 -63.12
N VAL B 222 6.64 14.56 -61.94
CA VAL B 222 7.96 14.81 -61.37
C VAL B 222 8.86 13.62 -61.66
N THR B 223 10.08 13.89 -62.13
CA THR B 223 11.06 12.82 -62.36
C THR B 223 11.72 12.46 -61.04
N TYR B 224 11.57 11.20 -60.61
CA TYR B 224 12.22 10.68 -59.40
C TYR B 224 13.43 9.86 -59.79
N LEU B 225 14.60 10.26 -59.32
CA LEU B 225 15.83 9.50 -59.55
C LEU B 225 16.37 9.00 -58.21
N ASN B 226 16.45 7.69 -58.06
CA ASN B 226 17.08 7.08 -56.88
C ASN B 226 18.59 7.12 -57.09
N ALA B 227 19.17 8.30 -56.85
CA ALA B 227 20.57 8.54 -57.17
C ALA B 227 21.17 9.56 -56.19
N LYS B 228 22.47 9.43 -55.95
CA LYS B 228 23.19 10.36 -55.10
C LYS B 228 23.58 11.60 -55.90
N GLY B 229 23.16 12.77 -55.44
CA GLY B 229 23.43 14.02 -56.11
C GLY B 229 24.53 14.85 -55.48
N ARG B 230 25.27 15.57 -56.32
CA ARG B 230 26.37 16.43 -55.87
C ARG B 230 26.39 17.67 -56.76
N LEU B 231 26.31 18.83 -56.13
CA LEU B 231 26.31 20.09 -56.87
C LEU B 231 27.75 20.50 -57.17
N ILE B 232 28.11 20.53 -58.45
CA ILE B 232 29.48 20.82 -58.85
C ILE B 232 29.65 22.23 -59.42
N SER B 233 28.58 22.87 -59.86
CA SER B 233 28.59 24.27 -60.23
C SER B 233 27.18 24.80 -59.99
N PRO B 234 26.99 26.13 -60.06
CA PRO B 234 25.65 26.67 -59.72
C PRO B 234 24.47 25.98 -60.40
N HIS B 235 24.65 25.45 -61.62
CA HIS B 235 23.54 24.87 -62.35
C HIS B 235 23.74 23.40 -62.74
N GLU B 236 24.84 22.77 -62.32
CA GLU B 236 25.14 21.39 -62.71
C GLU B 236 25.12 20.48 -61.50
N VAL B 237 24.35 19.39 -61.60
CA VAL B 237 24.28 18.39 -60.55
C VAL B 237 24.82 17.08 -61.09
N GLN B 238 25.90 16.59 -60.49
CA GLN B 238 26.43 15.27 -60.82
C GLN B 238 25.67 14.20 -60.05
N ILE B 239 25.24 13.16 -60.76
CA ILE B 239 24.45 12.08 -60.17
C ILE B 239 25.17 10.76 -60.37
N THR B 240 24.99 9.86 -59.39
CA THR B 240 25.52 8.51 -59.42
C THR B 240 24.39 7.54 -59.08
N ASP B 241 24.13 6.57 -59.96
CA ASP B 241 23.03 5.64 -59.77
C ASP B 241 23.52 4.34 -59.13
N LYS B 242 22.63 3.36 -59.02
CA LYS B 242 22.93 2.13 -58.28
C LYS B 242 23.96 1.24 -58.98
N ASN B 243 24.30 1.52 -60.24
CA ASN B 243 25.40 0.85 -60.92
C ASN B 243 26.67 1.68 -60.95
N GLN B 244 26.76 2.72 -60.10
CA GLN B 244 27.82 3.72 -60.16
C GLN B 244 28.01 4.28 -61.57
N LYS B 245 26.92 4.41 -62.33
CA LYS B 245 26.94 5.21 -63.55
C LYS B 245 26.88 6.69 -63.17
N VAL B 246 27.87 7.46 -63.64
CA VAL B 246 27.97 8.89 -63.33
C VAL B 246 27.55 9.70 -64.55
N SER B 247 26.78 10.76 -64.31
CA SER B 247 26.31 11.63 -65.39
C SER B 247 25.98 13.00 -64.79
N THR B 248 25.60 13.94 -65.66
CA THR B 248 25.36 15.32 -65.24
C THR B 248 24.04 15.82 -65.80
N ILE B 249 23.23 16.44 -64.94
CA ILE B 249 22.00 17.10 -65.32
C ILE B 249 22.07 18.55 -64.87
N THR B 250 21.31 19.41 -65.54
CA THR B 250 21.35 20.84 -65.26
C THR B 250 19.97 21.35 -64.87
N GLY B 251 19.96 22.39 -64.04
CA GLY B 251 18.72 22.96 -63.56
C GLY B 251 18.84 24.46 -63.37
N ASN B 252 17.73 25.16 -63.58
CA ASN B 252 17.71 26.60 -63.34
C ASN B 252 17.81 26.91 -61.85
N LYS B 253 16.82 26.47 -61.06
CA LYS B 253 16.84 26.63 -59.61
C LYS B 253 17.20 25.31 -58.95
N ILE B 254 17.96 25.39 -57.84
CA ILE B 254 18.39 24.21 -57.10
C ILE B 254 17.90 24.35 -55.66
N ILE B 255 17.33 23.27 -55.09
CA ILE B 255 16.98 23.25 -53.67
C ILE B 255 17.75 22.13 -53.00
N LEU B 256 18.57 22.49 -52.02
CA LEU B 256 19.27 21.51 -51.20
C LEU B 256 18.38 21.16 -50.01
N ALA B 257 18.15 19.86 -49.82
CA ALA B 257 17.24 19.38 -48.79
C ALA B 257 17.66 18.00 -48.29
N THR B 258 18.94 17.84 -47.96
CA THR B 258 19.56 16.53 -47.73
C THR B 258 19.56 16.08 -46.26
N GLY B 259 19.12 16.92 -45.31
CA GLY B 259 18.93 16.44 -43.94
C GLY B 259 20.24 16.08 -43.21
N GLU B 260 20.10 15.28 -42.13
CA GLU B 260 21.19 14.90 -41.24
C GLU B 260 21.17 13.40 -40.96
N ARG B 261 22.21 12.90 -40.29
CA ARG B 261 22.27 11.52 -39.83
C ARG B 261 22.84 11.48 -38.41
N PRO B 262 22.63 10.37 -37.68
CA PRO B 262 23.11 10.30 -36.29
C PRO B 262 24.64 10.35 -36.17
N LYS B 263 25.12 10.98 -35.10
CA LYS B 263 26.53 10.95 -34.74
C LYS B 263 26.86 9.73 -33.87
N TYR B 264 28.14 9.34 -33.88
CA TYR B 264 28.71 8.37 -32.95
C TYR B 264 29.81 9.04 -32.12
N PRO B 265 29.99 8.66 -30.87
CA PRO B 265 31.13 9.19 -30.12
C PRO B 265 32.41 8.50 -30.54
N GLU B 266 33.53 9.22 -30.41
CA GLU B 266 34.84 8.73 -30.82
C GLU B 266 35.43 7.85 -29.72
N ILE B 267 34.91 6.62 -29.62
CA ILE B 267 35.41 5.66 -28.63
C ILE B 267 35.45 4.28 -29.25
N PRO B 268 36.32 3.41 -28.74
CA PRO B 268 36.43 2.07 -29.31
C PRO B 268 35.14 1.29 -29.20
N GLY B 269 34.77 0.61 -30.29
CA GLY B 269 33.64 -0.29 -30.31
C GLY B 269 32.31 0.35 -30.65
N ALA B 270 32.23 1.69 -30.70
CA ALA B 270 30.95 2.35 -30.88
C ALA B 270 30.32 2.01 -32.22
N VAL B 271 31.06 2.24 -33.30
CA VAL B 271 30.54 1.98 -34.65
C VAL B 271 30.37 0.49 -34.89
N GLU B 272 31.29 -0.31 -34.35
CA GLU B 272 31.28 -1.74 -34.62
C GLU B 272 30.14 -2.45 -33.91
N TYR B 273 29.84 -2.07 -32.65
CA TYR B 273 28.96 -2.89 -31.82
C TYR B 273 27.69 -2.19 -31.33
N GLY B 274 27.63 -0.85 -31.37
CA GLY B 274 26.40 -0.14 -31.05
C GLY B 274 25.52 0.10 -32.28
N ILE B 275 24.30 0.62 -32.03
CA ILE B 275 23.37 0.99 -33.09
C ILE B 275 22.84 2.40 -32.81
N THR B 276 22.06 2.94 -33.75
CA THR B 276 21.38 4.22 -33.56
C THR B 276 19.89 4.07 -33.86
N SER B 277 19.16 5.18 -33.74
CA SER B 277 17.75 5.17 -34.11
C SER B 277 17.53 4.74 -35.56
N ASP B 278 18.50 4.99 -36.45
CA ASP B 278 18.41 4.50 -37.83
C ASP B 278 18.18 3.00 -37.91
N ASP B 279 18.76 2.23 -36.98
CA ASP B 279 18.65 0.78 -36.98
C ASP B 279 17.48 0.27 -36.16
N LEU B 280 17.06 1.03 -35.13
CA LEU B 280 16.14 0.51 -34.13
C LEU B 280 14.78 0.16 -34.71
N PHE B 281 14.26 1.00 -35.61
CA PHE B 281 12.87 0.91 -36.04
C PHE B 281 12.60 -0.25 -37.00
N SER B 282 13.64 -0.94 -37.52
CA SER B 282 13.44 -2.16 -38.29
C SER B 282 14.23 -3.34 -37.73
N LEU B 283 14.69 -3.24 -36.48
CA LEU B 283 15.53 -4.29 -35.89
C LEU B 283 14.80 -5.63 -35.87
N PRO B 284 15.39 -6.70 -36.40
CA PRO B 284 14.65 -7.96 -36.54
C PRO B 284 14.55 -8.78 -35.25
N TYR B 285 15.29 -8.42 -34.20
CA TYR B 285 15.21 -9.09 -32.90
C TYR B 285 14.89 -8.05 -31.83
N PHE B 286 14.26 -8.49 -30.73
CA PHE B 286 14.07 -7.61 -29.59
C PHE B 286 15.43 -7.18 -29.05
N PRO B 287 15.60 -5.89 -28.72
CA PRO B 287 16.91 -5.42 -28.23
C PRO B 287 17.39 -6.12 -26.95
N GLY B 288 16.48 -6.64 -26.13
CA GLY B 288 16.91 -7.20 -24.85
C GLY B 288 17.28 -6.10 -23.85
N LYS B 289 18.13 -6.46 -22.88
CA LYS B 289 18.63 -5.47 -21.93
C LYS B 289 19.43 -4.41 -22.65
N THR B 290 19.01 -3.15 -22.53
CA THR B 290 19.45 -2.09 -23.43
C THR B 290 20.02 -0.92 -22.66
N LEU B 291 21.09 -0.33 -23.19
CA LEU B 291 21.65 0.93 -22.72
C LEU B 291 21.47 2.01 -23.78
N VAL B 292 20.85 3.12 -23.39
CA VAL B 292 20.73 4.32 -24.24
C VAL B 292 21.71 5.35 -23.74
N ILE B 293 22.64 5.77 -24.61
CA ILE B 293 23.63 6.79 -24.30
C ILE B 293 23.19 8.11 -24.90
N GLY B 294 22.96 9.12 -24.06
CA GLY B 294 22.47 10.41 -24.48
C GLY B 294 21.21 10.82 -23.73
N ALA B 295 20.80 12.08 -23.96
CA ALA B 295 19.71 12.65 -23.16
C ALA B 295 18.83 13.63 -23.95
N SER B 296 18.87 13.57 -25.28
CA SER B 296 18.03 14.34 -26.18
C SER B 296 16.60 13.77 -26.20
N TYR B 297 15.69 14.41 -26.93
CA TYR B 297 14.34 13.85 -27.02
C TYR B 297 14.35 12.48 -27.69
N VAL B 298 15.27 12.24 -28.64
CA VAL B 298 15.39 10.91 -29.23
C VAL B 298 15.73 9.87 -28.17
N ALA B 299 16.76 10.16 -27.37
CA ALA B 299 17.18 9.22 -26.34
C ALA B 299 16.03 8.89 -25.40
N LEU B 300 15.32 9.91 -24.91
CA LEU B 300 14.30 9.68 -23.89
C LEU B 300 13.06 9.02 -24.48
N GLU B 301 12.64 9.44 -25.68
CA GLU B 301 11.49 8.80 -26.31
C GLU B 301 11.72 7.30 -26.51
N CYS B 302 12.90 6.92 -26.99
CA CYS B 302 13.19 5.51 -27.26
C CYS B 302 13.31 4.69 -25.97
N ALA B 303 14.04 5.20 -24.98
CA ALA B 303 14.07 4.54 -23.68
C ALA B 303 12.68 4.34 -23.11
N GLY B 304 11.83 5.37 -23.25
CA GLY B 304 10.49 5.30 -22.71
C GLY B 304 9.66 4.16 -23.26
N PHE B 305 9.56 4.05 -24.60
CA PHE B 305 8.70 2.97 -25.07
C PHE B 305 9.35 1.60 -24.87
N LEU B 306 10.69 1.50 -24.91
CA LEU B 306 11.30 0.20 -24.65
C LEU B 306 10.97 -0.29 -23.24
N ALA B 307 10.95 0.62 -22.26
CA ALA B 307 10.59 0.23 -20.90
C ALA B 307 9.12 -0.16 -20.79
N SER B 308 8.24 0.56 -21.48
CA SER B 308 6.82 0.24 -21.43
C SER B 308 6.50 -1.08 -22.12
N LEU B 309 7.32 -1.50 -23.06
CA LEU B 309 7.11 -2.80 -23.68
C LEU B 309 7.62 -3.94 -22.81
N GLY B 310 8.24 -3.64 -21.67
CA GLY B 310 8.73 -4.65 -20.77
C GLY B 310 10.23 -4.86 -20.77
N GLY B 311 10.98 -3.98 -21.43
CA GLY B 311 12.42 -4.13 -21.48
C GLY B 311 13.14 -3.62 -20.24
N ASP B 312 14.37 -4.11 -20.08
CA ASP B 312 15.30 -3.67 -19.04
C ASP B 312 16.15 -2.56 -19.65
N VAL B 313 15.90 -1.32 -19.25
CA VAL B 313 16.42 -0.16 -19.96
C VAL B 313 17.15 0.77 -18.99
N THR B 314 18.33 1.24 -19.40
CA THR B 314 19.13 2.21 -18.67
C THR B 314 19.52 3.34 -19.61
N VAL B 315 19.51 4.58 -19.10
CA VAL B 315 19.92 5.76 -19.84
C VAL B 315 21.14 6.34 -19.17
N MET B 316 22.20 6.60 -19.93
CA MET B 316 23.42 7.18 -19.36
C MET B 316 23.54 8.64 -19.78
N VAL B 317 23.54 9.53 -18.79
CA VAL B 317 23.36 10.96 -18.98
C VAL B 317 24.66 11.69 -18.62
N ARG B 318 25.21 12.43 -19.58
CA ARG B 318 26.47 13.12 -19.35
C ARG B 318 26.29 14.29 -18.38
N SER B 319 25.25 15.11 -18.61
CA SER B 319 24.98 16.25 -17.73
C SER B 319 23.49 16.39 -17.39
N ILE B 320 22.70 17.00 -18.27
CA ILE B 320 21.29 17.25 -18.00
C ILE B 320 20.41 16.57 -19.06
N LEU B 321 19.10 16.51 -18.78
CA LEU B 321 18.12 16.02 -19.75
C LEU B 321 17.60 17.18 -20.61
N LEU B 322 17.39 16.89 -21.90
CA LEU B 322 16.72 17.83 -22.82
C LEU B 322 17.34 19.23 -22.79
N ARG B 323 18.67 19.29 -22.99
CA ARG B 323 19.35 20.58 -23.05
C ARG B 323 18.69 21.48 -24.09
N GLY B 324 18.42 22.73 -23.71
CA GLY B 324 17.73 23.68 -24.56
C GLY B 324 16.24 23.81 -24.31
N PHE B 325 15.62 22.85 -23.61
CA PHE B 325 14.23 22.93 -23.18
C PHE B 325 14.17 23.43 -21.74
N ASP B 326 12.99 23.91 -21.33
CA ASP B 326 12.72 24.32 -19.94
C ASP B 326 13.16 23.25 -18.94
N GLN B 327 14.13 23.60 -18.08
CA GLN B 327 14.71 22.55 -17.25
C GLN B 327 13.84 22.11 -16.08
N GLN B 328 12.90 22.94 -15.61
CA GLN B 328 11.90 22.43 -14.66
C GLN B 328 11.09 21.31 -15.29
N MET B 329 10.59 21.52 -16.51
CA MET B 329 9.77 20.50 -17.17
C MET B 329 10.61 19.28 -17.52
N ALA B 330 11.86 19.48 -17.96
CA ALA B 330 12.73 18.34 -18.26
C ALA B 330 12.93 17.46 -17.04
N GLU B 331 13.12 18.07 -15.86
CA GLU B 331 13.31 17.28 -14.65
C GLU B 331 12.05 16.51 -14.28
N LYS B 332 10.86 17.12 -14.47
CA LYS B 332 9.61 16.40 -14.22
C LYS B 332 9.43 15.22 -15.17
N VAL B 333 9.82 15.40 -16.45
CA VAL B 333 9.76 14.31 -17.43
C VAL B 333 10.62 13.14 -16.96
N GLY B 334 11.86 13.41 -16.57
CA GLY B 334 12.76 12.35 -16.15
C GLY B 334 12.34 11.68 -14.86
N ASP B 335 11.84 12.47 -13.90
CA ASP B 335 11.37 11.88 -12.64
C ASP B 335 10.22 10.92 -12.89
N TYR B 336 9.30 11.26 -13.81
CA TYR B 336 8.22 10.32 -14.12
C TYR B 336 8.79 9.01 -14.69
N MET B 337 9.74 9.12 -15.61
CA MET B 337 10.32 7.93 -16.24
C MET B 337 11.00 7.03 -15.21
N GLU B 338 11.73 7.63 -14.26
CA GLU B 338 12.45 6.86 -13.25
C GLU B 338 11.51 6.14 -12.29
N ASN B 339 10.35 6.74 -12.00
CA ASN B 339 9.36 6.07 -11.16
C ASN B 339 8.60 5.00 -11.91
N HIS B 340 8.62 5.02 -13.24
CA HIS B 340 7.91 4.05 -14.06
C HIS B 340 8.85 3.16 -14.87
N GLY B 341 9.99 2.82 -14.27
CA GLY B 341 10.76 1.69 -14.75
C GLY B 341 11.88 1.97 -15.74
N VAL B 342 12.34 3.21 -15.84
CA VAL B 342 13.56 3.54 -16.58
C VAL B 342 14.65 3.81 -15.55
N LYS B 343 15.78 3.08 -15.63
CA LYS B 343 16.93 3.39 -14.79
C LYS B 343 17.83 4.44 -15.43
N PHE B 344 18.44 5.28 -14.60
CA PHE B 344 19.34 6.32 -15.09
C PHE B 344 20.72 6.19 -14.44
N ALA B 345 21.76 6.26 -15.26
CA ALA B 345 23.15 6.40 -14.78
C ALA B 345 23.56 7.86 -14.97
N LYS B 346 23.50 8.63 -13.88
CA LYS B 346 23.58 10.08 -13.97
C LYS B 346 25.03 10.57 -13.89
N LEU B 347 25.30 11.69 -14.57
CA LEU B 347 26.64 12.28 -14.65
C LEU B 347 27.70 11.23 -15.01
N CYS B 348 27.53 10.62 -16.20
CA CYS B 348 28.32 9.47 -16.60
C CYS B 348 28.51 9.49 -18.11
N VAL B 349 29.71 9.14 -18.58
CA VAL B 349 29.99 9.06 -20.01
C VAL B 349 30.63 7.71 -20.30
N PRO B 350 30.57 7.25 -21.56
CA PRO B 350 31.19 5.97 -21.93
C PRO B 350 32.63 6.12 -22.39
N ASP B 351 33.42 5.06 -22.14
CA ASP B 351 34.81 5.01 -22.58
C ASP B 351 35.09 3.98 -23.68
N GLU B 352 34.41 2.83 -23.66
CA GLU B 352 34.63 1.78 -24.66
C GLU B 352 33.52 0.74 -24.59
N ILE B 353 33.25 0.12 -25.74
CA ILE B 353 32.30 -0.98 -25.86
C ILE B 353 33.09 -2.22 -26.30
N LYS B 354 32.99 -3.30 -25.53
CA LYS B 354 33.63 -4.57 -25.90
C LYS B 354 32.59 -5.60 -26.27
N GLN B 355 32.91 -6.43 -27.28
CA GLN B 355 32.01 -7.47 -27.72
C GLN B 355 32.29 -8.76 -26.94
N LEU B 356 31.23 -9.35 -26.39
CA LEU B 356 31.28 -10.66 -25.74
C LEU B 356 30.63 -11.77 -26.55
N LYS B 357 29.55 -11.46 -27.27
CA LYS B 357 28.90 -12.37 -28.20
C LYS B 357 28.49 -11.60 -29.45
N VAL B 358 28.73 -12.21 -30.60
CA VAL B 358 28.30 -11.64 -31.87
C VAL B 358 26.78 -11.81 -32.00
N VAL B 359 26.13 -10.85 -32.70
CA VAL B 359 24.70 -10.96 -32.95
C VAL B 359 24.38 -12.26 -33.67
N ASP B 360 23.35 -12.97 -33.19
CA ASP B 360 22.94 -14.27 -33.74
C ASP B 360 21.91 -14.03 -34.84
N THR B 361 22.40 -13.71 -36.04
CA THR B 361 21.53 -13.40 -37.17
C THR B 361 20.66 -14.59 -37.55
N GLU B 362 21.13 -15.81 -37.29
CA GLU B 362 20.38 -17.03 -37.58
C GLU B 362 19.12 -17.10 -36.72
N ASN B 363 19.31 -17.32 -35.41
CA ASN B 363 18.23 -17.56 -34.46
C ASN B 363 17.56 -16.27 -33.97
N ASN B 364 17.85 -15.14 -34.60
CA ASN B 364 17.13 -13.89 -34.33
C ASN B 364 17.28 -13.47 -32.87
N LYS B 365 18.54 -13.29 -32.46
CA LYS B 365 18.92 -12.97 -31.10
C LYS B 365 19.99 -11.90 -31.12
N PRO B 366 19.97 -10.99 -30.15
CA PRO B 366 21.05 -9.99 -30.04
C PRO B 366 22.34 -10.63 -29.57
N GLY B 367 23.42 -9.85 -29.61
CA GLY B 367 24.69 -10.24 -29.04
C GLY B 367 24.75 -9.94 -27.55
N LEU B 368 25.97 -9.65 -27.07
CA LEU B 368 26.20 -9.30 -25.67
C LEU B 368 27.46 -8.44 -25.60
N LEU B 369 27.38 -7.33 -24.86
CA LEU B 369 28.41 -6.30 -24.86
C LEU B 369 28.80 -5.93 -23.44
N LEU B 370 30.05 -5.51 -23.26
CA LEU B 370 30.52 -4.95 -22.00
C LEU B 370 30.79 -3.47 -22.19
N VAL B 371 30.12 -2.63 -21.39
CA VAL B 371 30.25 -1.18 -21.50
C VAL B 371 31.07 -0.71 -20.31
N LYS B 372 32.11 0.07 -20.58
CA LYS B 372 32.97 0.63 -19.55
C LYS B 372 32.97 2.14 -19.66
N GLY B 373 32.81 2.82 -18.53
CA GLY B 373 32.75 4.26 -18.51
C GLY B 373 33.13 4.77 -17.15
N HIS B 374 32.96 6.07 -16.95
CA HIS B 374 33.29 6.68 -15.67
C HIS B 374 32.36 7.85 -15.36
N TYR B 375 32.04 8.01 -14.07
CA TYR B 375 31.25 9.14 -13.59
C TYR B 375 32.10 10.40 -13.44
N THR B 376 31.41 11.53 -13.27
CA THR B 376 32.04 12.84 -13.41
C THR B 376 32.98 13.19 -12.26
N ASP B 377 32.85 12.50 -11.12
CA ASP B 377 33.75 12.76 -10.01
C ASP B 377 35.05 11.97 -10.13
N GLY B 378 35.00 10.83 -10.85
CA GLY B 378 36.15 9.98 -11.08
C GLY B 378 35.84 8.49 -11.03
N LYS B 379 34.73 8.10 -10.38
CA LYS B 379 34.38 6.71 -10.17
C LYS B 379 34.05 6.03 -11.52
N LYS B 380 34.01 4.69 -11.52
CA LYS B 380 33.93 3.89 -12.73
C LYS B 380 32.54 3.28 -12.94
N PHE B 381 32.27 2.91 -14.19
CA PHE B 381 31.04 2.25 -14.62
C PHE B 381 31.40 0.98 -15.38
N GLU B 382 30.76 -0.13 -15.05
CA GLU B 382 30.99 -1.36 -15.82
C GLU B 382 29.78 -2.28 -15.70
N GLU B 383 29.16 -2.59 -16.84
CA GLU B 383 27.95 -3.39 -16.87
C GLU B 383 27.75 -3.98 -18.26
N GLU B 384 27.09 -5.13 -18.32
CA GLU B 384 26.82 -5.83 -19.56
C GLU B 384 25.43 -5.49 -20.09
N PHE B 385 25.33 -5.34 -21.42
CA PHE B 385 24.06 -5.07 -22.10
C PHE B 385 23.98 -5.90 -23.37
N GLU B 386 22.75 -6.21 -23.79
CA GLU B 386 22.58 -6.90 -25.07
C GLU B 386 22.56 -5.94 -26.25
N THR B 387 22.06 -4.72 -26.07
CA THR B 387 22.01 -3.71 -27.13
C THR B 387 22.44 -2.38 -26.55
N VAL B 388 23.24 -1.62 -27.30
CA VAL B 388 23.66 -0.28 -26.92
C VAL B 388 23.25 0.71 -28.02
N ILE B 389 22.43 1.70 -27.67
CA ILE B 389 21.89 2.67 -28.63
C ILE B 389 22.51 4.03 -28.35
N PHE B 390 23.16 4.62 -29.35
CA PHE B 390 23.70 5.96 -29.25
C PHE B 390 22.70 6.99 -29.79
N ALA B 391 22.37 7.98 -28.94
CA ALA B 391 21.57 9.14 -29.36
C ALA B 391 22.29 10.38 -28.83
N VAL B 392 23.39 10.75 -29.50
CA VAL B 392 24.24 11.85 -29.04
C VAL B 392 24.29 12.98 -30.06
N GLY B 393 23.20 13.18 -30.79
CA GLY B 393 23.10 14.28 -31.73
C GLY B 393 23.14 13.80 -33.18
N ARG B 394 22.87 14.76 -34.07
CA ARG B 394 22.77 14.53 -35.51
C ARG B 394 23.50 15.64 -36.23
N GLU B 395 24.03 15.35 -37.43
CA GLU B 395 24.79 16.34 -38.17
C GLU B 395 24.66 16.10 -39.67
N PRO B 396 24.78 17.16 -40.47
CA PRO B 396 24.81 16.99 -41.93
C PRO B 396 26.24 16.70 -42.35
N GLN B 397 26.40 16.30 -43.59
CA GLN B 397 27.73 16.08 -44.10
C GLN B 397 27.75 16.64 -45.53
N LEU B 398 27.65 17.97 -45.63
CA LEU B 398 27.45 18.60 -46.92
C LEU B 398 28.67 18.51 -47.84
N SER B 399 29.83 18.10 -47.33
CA SER B 399 30.96 17.84 -48.22
C SER B 399 30.61 16.73 -49.21
N LYS B 400 29.75 15.79 -48.82
CA LYS B 400 29.26 14.80 -49.76
C LYS B 400 28.37 15.43 -50.82
N VAL B 401 27.65 16.49 -50.48
CA VAL B 401 26.61 17.02 -51.34
C VAL B 401 27.10 18.15 -52.23
N LEU B 402 28.10 18.89 -51.77
CA LEU B 402 28.33 20.26 -52.25
C LEU B 402 29.83 20.47 -52.44
N CYS B 403 30.24 20.79 -53.66
CA CYS B 403 31.65 21.08 -53.92
C CYS B 403 31.97 22.48 -53.42
N GLU B 404 33.10 22.62 -52.72
CA GLU B 404 33.45 23.91 -52.12
C GLU B 404 33.69 24.99 -53.16
N THR B 405 33.94 24.62 -54.42
CA THR B 405 34.18 25.64 -55.44
C THR B 405 32.90 26.34 -55.88
N VAL B 406 31.73 25.74 -55.65
CA VAL B 406 30.47 26.36 -56.05
C VAL B 406 30.26 27.68 -55.34
N GLY B 407 30.69 27.78 -54.09
CA GLY B 407 30.61 29.02 -53.35
C GLY B 407 29.47 29.17 -52.37
N VAL B 408 28.89 28.07 -51.89
CA VAL B 408 27.79 28.14 -50.92
C VAL B 408 28.39 28.19 -49.51
N LYS B 409 28.07 29.26 -48.77
CA LYS B 409 28.62 29.48 -47.43
C LYS B 409 27.99 28.59 -46.38
N LEU B 410 28.82 27.94 -45.56
CA LEU B 410 28.37 27.18 -44.41
C LEU B 410 28.80 27.88 -43.12
N ASP B 411 28.18 27.47 -42.01
CA ASP B 411 28.54 27.99 -40.69
C ASP B 411 29.51 27.03 -40.00
N LYS B 412 29.86 27.35 -38.76
CA LYS B 412 30.83 26.54 -38.03
C LYS B 412 30.32 25.13 -37.72
N ASN B 413 29.01 24.91 -37.72
CA ASN B 413 28.44 23.58 -37.53
C ASN B 413 28.27 22.80 -38.82
N GLY B 414 28.51 23.42 -39.98
CA GLY B 414 28.32 22.76 -41.25
C GLY B 414 26.95 22.94 -41.87
N ARG B 415 26.15 23.88 -41.39
CA ARG B 415 24.83 24.14 -41.95
C ARG B 415 24.87 25.35 -42.88
N VAL B 416 23.87 25.43 -43.77
CA VAL B 416 23.86 26.43 -44.84
C VAL B 416 23.35 27.76 -44.31
N VAL B 417 24.11 28.83 -44.57
CA VAL B 417 23.71 30.17 -44.17
C VAL B 417 22.77 30.75 -45.24
N CYS B 418 21.55 31.11 -44.84
CA CYS B 418 20.51 31.52 -45.77
C CYS B 418 19.90 32.87 -45.39
N THR B 419 19.34 33.54 -46.38
CA THR B 419 18.51 34.71 -46.16
C THR B 419 17.14 34.29 -45.63
N ASP B 420 16.29 35.26 -45.33
CA ASP B 420 14.98 34.92 -44.79
C ASP B 420 14.02 34.38 -45.86
N ASP B 421 14.45 34.28 -47.12
CA ASP B 421 13.68 33.58 -48.14
C ASP B 421 14.39 32.32 -48.62
N GLU B 422 15.25 31.73 -47.77
CA GLU B 422 15.98 30.47 -47.97
C GLU B 422 17.07 30.54 -49.04
N GLN B 423 17.44 31.74 -49.53
CA GLN B 423 18.50 31.86 -50.55
C GLN B 423 19.89 31.70 -49.95
N THR B 424 20.76 30.96 -50.64
CA THR B 424 22.15 30.80 -50.21
C THR B 424 22.96 32.00 -50.75
N THR B 425 24.29 31.92 -50.63
CA THR B 425 25.18 32.93 -51.21
C THR B 425 25.36 32.74 -52.73
N VAL B 426 24.75 31.72 -53.31
CA VAL B 426 24.70 31.53 -54.76
C VAL B 426 23.26 31.74 -55.18
N SER B 427 23.04 32.66 -56.12
CA SER B 427 21.73 33.31 -56.26
C SER B 427 20.61 32.35 -56.65
N ASN B 428 20.90 31.27 -57.36
CA ASN B 428 19.86 30.35 -57.82
C ASN B 428 19.71 29.11 -56.94
N VAL B 429 20.42 29.05 -55.81
CA VAL B 429 20.50 27.87 -54.96
C VAL B 429 19.90 28.22 -53.61
N TYR B 430 19.04 27.32 -53.10
CA TYR B 430 18.30 27.50 -51.86
C TYR B 430 18.48 26.26 -50.99
N ALA B 431 18.21 26.41 -49.69
CA ALA B 431 18.32 25.31 -48.74
C ALA B 431 17.14 25.34 -47.77
N ILE B 432 16.59 24.16 -47.46
CA ILE B 432 15.42 24.04 -46.60
C ILE B 432 15.61 22.88 -45.64
N GLY B 433 14.82 22.89 -44.56
CA GLY B 433 14.85 21.74 -43.64
C GLY B 433 15.99 21.81 -42.65
N ASP B 434 16.44 20.62 -42.20
CA ASP B 434 17.38 20.54 -41.09
C ASP B 434 18.75 21.16 -41.41
N ILE B 435 19.13 21.31 -42.69
CA ILE B 435 20.44 21.88 -43.02
C ILE B 435 20.43 23.41 -43.09
N ASN B 436 19.28 24.06 -42.92
CA ASN B 436 19.19 25.51 -42.94
C ASN B 436 19.59 26.04 -41.57
N ALA B 437 20.71 26.78 -41.50
CA ALA B 437 21.32 27.12 -40.21
C ALA B 437 20.38 27.96 -39.35
N GLY B 438 20.31 27.62 -38.06
CA GLY B 438 19.55 28.40 -37.10
C GLY B 438 18.05 28.14 -37.05
N LYS B 439 17.51 27.21 -37.88
CA LYS B 439 16.06 27.00 -37.91
C LYS B 439 15.66 25.79 -37.07
N PRO B 440 14.43 25.77 -36.53
CA PRO B 440 13.96 24.59 -35.79
C PRO B 440 13.95 23.38 -36.70
N GLN B 441 14.47 22.27 -36.19
CA GLN B 441 14.67 21.07 -37.00
C GLN B 441 13.46 20.15 -36.80
N LEU B 442 12.40 20.46 -37.55
CA LEU B 442 11.10 19.81 -37.38
C LEU B 442 10.45 19.56 -38.73
N THR B 443 9.67 18.48 -38.83
CA THR B 443 9.08 18.11 -40.12
C THR B 443 8.07 19.13 -40.64
N PRO B 444 7.12 19.64 -39.85
CA PRO B 444 6.18 20.64 -40.43
C PRO B 444 6.86 21.95 -40.81
N VAL B 445 7.96 22.32 -40.15
CA VAL B 445 8.76 23.48 -40.58
C VAL B 445 9.32 23.25 -41.99
N ALA B 446 9.97 22.11 -42.20
CA ALA B 446 10.53 21.80 -43.51
C ALA B 446 9.47 21.81 -44.62
N ILE B 447 8.28 21.27 -44.33
CA ILE B 447 7.24 21.20 -45.35
C ILE B 447 6.73 22.60 -45.70
N GLN B 448 6.50 23.44 -44.69
CA GLN B 448 6.05 24.81 -44.96
C GLN B 448 7.11 25.60 -45.73
N ALA B 449 8.37 25.50 -45.33
CA ALA B 449 9.43 26.20 -46.06
C ALA B 449 9.46 25.79 -47.53
N GLY B 450 9.34 24.49 -47.80
CA GLY B 450 9.43 24.00 -49.17
C GLY B 450 8.26 24.42 -50.03
N ARG B 451 7.04 24.28 -49.51
CA ARG B 451 5.87 24.70 -50.29
C ARG B 451 5.86 26.20 -50.50
N TYR B 452 6.18 26.98 -49.46
CA TYR B 452 6.15 28.42 -49.61
C TYR B 452 7.21 28.92 -50.59
N LEU B 453 8.40 28.29 -50.57
CA LEU B 453 9.48 28.66 -51.50
C LEU B 453 9.06 28.37 -52.95
N ALA B 454 8.50 27.18 -53.18
CA ALA B 454 8.11 26.81 -54.54
C ALA B 454 7.13 27.81 -55.12
N ARG B 455 6.23 28.33 -54.29
CA ARG B 455 5.24 29.29 -54.76
C ARG B 455 5.86 30.64 -55.09
N ARG B 456 6.88 31.04 -54.32
CA ARG B 456 7.57 32.29 -54.63
C ARG B 456 8.36 32.16 -55.93
N LEU B 457 9.00 30.99 -56.16
CA LEU B 457 9.80 30.83 -57.37
C LEU B 457 8.92 30.76 -58.62
N PHE B 458 7.80 30.03 -58.56
CA PHE B 458 7.12 29.67 -59.79
C PHE B 458 5.69 30.20 -59.93
N ALA B 459 5.13 30.84 -58.89
CA ALA B 459 3.79 31.41 -59.01
C ALA B 459 3.72 32.87 -58.58
N GLY B 460 4.87 33.54 -58.42
CA GLY B 460 4.86 34.95 -58.04
C GLY B 460 4.34 35.22 -56.64
N ALA B 461 4.46 34.26 -55.73
CA ALA B 461 4.01 34.53 -54.37
C ALA B 461 5.05 35.35 -53.62
N THR B 462 4.62 35.99 -52.53
CA THR B 462 5.53 36.77 -51.70
C THR B 462 5.63 36.30 -50.25
N GLU B 463 4.74 35.41 -49.80
CA GLU B 463 4.70 35.01 -48.39
C GLU B 463 5.97 34.26 -47.97
N LEU B 464 6.54 34.65 -46.84
CA LEU B 464 7.69 33.99 -46.20
C LEU B 464 7.22 33.01 -45.12
N THR B 465 8.10 32.04 -44.80
CA THR B 465 7.90 31.17 -43.64
C THR B 465 8.26 31.89 -42.33
N ASP B 466 7.39 31.76 -41.32
CA ASP B 466 7.61 32.37 -39.99
C ASP B 466 8.17 31.29 -39.07
N TYR B 467 9.44 31.45 -38.64
CA TYR B 467 10.09 30.44 -37.81
C TYR B 467 10.01 30.72 -36.30
N SER B 468 9.21 31.70 -35.87
CA SER B 468 9.15 32.06 -34.46
C SER B 468 8.02 31.34 -33.74
N ASN B 469 8.25 31.05 -32.47
CA ASN B 469 7.25 30.44 -31.57
C ASN B 469 6.66 29.16 -32.17
N VAL B 470 7.50 28.32 -32.77
CA VAL B 470 7.01 27.04 -33.31
C VAL B 470 6.86 26.05 -32.16
N ALA B 471 5.65 25.49 -32.01
CA ALA B 471 5.35 24.56 -30.93
C ALA B 471 5.99 23.18 -31.17
N THR B 472 6.24 22.44 -30.07
CA THR B 472 6.90 21.13 -30.08
C THR B 472 6.17 20.18 -29.14
N THR B 473 6.37 18.88 -29.32
CA THR B 473 5.97 17.92 -28.30
C THR B 473 7.00 16.80 -28.21
N VAL B 474 7.41 16.47 -26.98
CA VAL B 474 8.29 15.36 -26.67
C VAL B 474 7.42 14.18 -26.25
N PHE B 475 7.49 13.07 -26.99
CA PHE B 475 6.57 11.95 -26.77
C PHE B 475 7.17 10.90 -25.83
N THR B 476 7.62 11.38 -24.66
CA THR B 476 7.98 10.52 -23.54
C THR B 476 6.73 9.85 -22.95
N PRO B 477 6.90 8.83 -22.07
CA PRO B 477 5.73 8.11 -21.52
C PRO B 477 4.64 9.01 -20.95
N LEU B 478 5.02 10.07 -20.24
CA LEU B 478 4.14 11.22 -20.01
C LEU B 478 4.65 12.34 -20.92
N GLU B 479 3.80 12.78 -21.85
CA GLU B 479 4.20 13.70 -22.91
C GLU B 479 4.36 15.14 -22.42
N TYR B 480 5.21 15.91 -23.12
CA TYR B 480 5.54 17.29 -22.74
C TYR B 480 5.42 18.19 -23.97
N GLY B 481 4.44 19.11 -23.95
CA GLY B 481 4.22 20.05 -25.03
C GLY B 481 4.65 21.45 -24.64
N ALA B 482 5.15 22.22 -25.60
CA ALA B 482 5.64 23.57 -25.31
C ALA B 482 5.45 24.49 -26.53
N CYS B 483 5.24 25.78 -26.26
CA CYS B 483 5.23 26.80 -27.31
C CYS B 483 5.78 28.09 -26.73
N GLY B 484 6.88 28.59 -27.30
CA GLY B 484 7.50 29.83 -26.83
C GLY B 484 8.71 29.64 -25.93
N LEU B 485 8.98 30.63 -25.08
CA LEU B 485 10.19 30.64 -24.26
C LEU B 485 10.08 29.71 -23.06
N SER B 486 11.19 29.07 -22.69
CA SER B 486 11.33 28.50 -21.36
C SER B 486 11.30 29.61 -20.31
N GLU B 487 11.05 29.20 -19.06
CA GLU B 487 11.02 30.18 -17.97
C GLU B 487 12.39 30.83 -17.78
N GLU B 488 13.47 30.04 -17.88
CA GLU B 488 14.79 30.62 -17.66
C GLU B 488 15.18 31.57 -18.78
N ASP B 489 14.82 31.29 -20.04
CA ASP B 489 15.13 32.22 -21.13
C ASP B 489 14.35 33.53 -21.00
N ALA B 490 13.08 33.46 -20.59
CA ALA B 490 12.32 34.69 -20.38
C ALA B 490 12.92 35.54 -19.26
N ILE B 491 13.34 34.90 -18.16
CA ILE B 491 13.92 35.66 -17.05
C ILE B 491 15.23 36.31 -17.48
N GLU B 492 16.06 35.58 -18.24
CA GLU B 492 17.30 36.18 -18.71
C GLU B 492 17.03 37.36 -19.64
N LYS B 493 16.08 37.21 -20.58
CA LYS B 493 15.80 38.26 -21.56
C LYS B 493 15.22 39.52 -20.92
N TYR B 494 14.32 39.37 -19.94
CA TYR B 494 13.55 40.51 -19.43
C TYR B 494 13.81 40.84 -17.97
N GLY B 495 14.47 39.98 -17.20
CA GLY B 495 14.64 40.20 -15.78
C GLY B 495 13.55 39.60 -14.91
N ASP B 496 13.92 39.08 -13.72
CA ASP B 496 12.95 38.37 -12.89
C ASP B 496 11.78 39.25 -12.44
N LYS B 497 11.99 40.55 -12.25
CA LYS B 497 10.91 41.37 -11.73
C LYS B 497 9.83 41.64 -12.78
N ASP B 498 10.12 41.43 -14.06
CA ASP B 498 9.17 41.62 -15.14
C ASP B 498 8.48 40.32 -15.57
N ILE B 499 8.72 39.19 -14.89
CA ILE B 499 8.17 37.89 -15.29
C ILE B 499 7.22 37.41 -14.21
N GLU B 500 6.01 37.00 -14.62
CA GLU B 500 5.04 36.37 -13.74
C GLU B 500 4.71 34.99 -14.32
N VAL B 501 4.67 33.97 -13.46
CA VAL B 501 4.42 32.57 -13.88
C VAL B 501 3.19 32.04 -13.14
N TYR B 502 2.13 31.71 -13.89
CA TYR B 502 0.94 31.05 -13.35
C TYR B 502 1.06 29.55 -13.58
N HIS B 503 0.70 28.75 -12.57
CA HIS B 503 0.94 27.31 -12.71
C HIS B 503 -0.04 26.50 -11.87
N SER B 504 -0.14 25.21 -12.17
CA SER B 504 -1.05 24.33 -11.45
C SER B 504 -0.74 22.87 -11.80
N ASN B 505 -0.80 21.99 -10.79
CA ASN B 505 -0.93 20.56 -11.08
C ASN B 505 -2.34 20.26 -11.57
N PHE B 506 -2.50 19.10 -12.23
CA PHE B 506 -3.86 18.60 -12.50
C PHE B 506 -3.85 17.08 -12.52
N LYS B 507 -5.04 16.51 -12.48
CA LYS B 507 -5.24 15.05 -12.58
C LYS B 507 -6.25 14.77 -13.68
N PRO B 508 -5.89 14.04 -14.73
CA PRO B 508 -6.88 13.67 -15.75
C PRO B 508 -8.03 12.91 -15.12
N LEU B 509 -9.26 13.24 -15.50
CA LEU B 509 -10.40 12.48 -15.00
C LEU B 509 -10.23 10.98 -15.23
N GLU B 510 -9.64 10.61 -16.38
CA GLU B 510 -9.42 9.20 -16.72
C GLU B 510 -8.52 8.49 -15.71
N TRP B 511 -7.69 9.24 -14.98
CA TRP B 511 -6.78 8.65 -14.00
C TRP B 511 -7.43 8.40 -12.63
N THR B 512 -8.66 8.87 -12.40
CA THR B 512 -9.25 8.74 -11.06
C THR B 512 -9.61 7.30 -10.76
N VAL B 513 -10.53 6.72 -11.52
CA VAL B 513 -10.94 5.32 -11.35
C VAL B 513 -9.75 4.38 -11.51
N ALA B 514 -8.74 4.76 -12.31
CA ALA B 514 -7.59 3.88 -12.52
C ALA B 514 -6.51 3.97 -11.44
N HIS B 515 -6.71 4.82 -10.41
CA HIS B 515 -5.78 4.93 -9.26
C HIS B 515 -4.37 5.36 -9.68
N ARG B 516 -4.27 6.27 -10.65
CA ARG B 516 -2.98 6.84 -11.01
C ARG B 516 -2.69 8.09 -10.16
N GLU B 517 -1.56 8.75 -10.43
CA GLU B 517 -0.98 9.72 -9.49
C GLU B 517 -1.75 11.05 -9.46
N ASP B 518 -1.80 11.69 -8.28
CA ASP B 518 -2.61 12.90 -8.08
C ASP B 518 -1.94 14.17 -8.63
N ASN B 519 -0.62 14.29 -8.47
CA ASN B 519 0.07 15.55 -8.66
C ASN B 519 1.36 15.35 -9.46
N VAL B 520 1.29 14.69 -10.62
CA VAL B 520 2.43 14.61 -11.52
C VAL B 520 2.21 15.43 -12.78
N CYS B 521 0.99 15.44 -13.31
CA CYS B 521 0.69 16.32 -14.44
C CYS B 521 0.76 17.77 -13.99
N TYR B 522 1.21 18.66 -14.89
CA TYR B 522 1.59 20.02 -14.51
C TYR B 522 1.57 20.95 -15.72
N MET B 523 1.17 22.21 -15.49
CA MET B 523 1.19 23.20 -16.57
C MET B 523 1.53 24.58 -16.02
N LYS B 524 2.09 25.43 -16.91
CA LYS B 524 2.42 26.80 -16.53
C LYS B 524 2.37 27.74 -17.74
N LEU B 525 2.09 29.02 -17.44
CA LEU B 525 2.17 30.12 -18.41
C LEU B 525 3.20 31.13 -17.91
N VAL B 526 4.21 31.42 -18.75
CA VAL B 526 5.27 32.37 -18.42
C VAL B 526 4.93 33.70 -19.12
N CYS B 527 4.73 34.77 -18.34
CA CYS B 527 4.14 36.00 -18.84
C CYS B 527 5.01 37.22 -18.54
N ARG B 528 4.88 38.27 -19.36
CA ARG B 528 5.64 39.51 -19.20
C ARG B 528 4.75 40.61 -18.63
N LYS B 529 5.06 41.05 -17.41
CA LYS B 529 4.18 41.99 -16.72
C LYS B 529 4.01 43.30 -17.49
N SER B 530 5.12 43.88 -17.96
CA SER B 530 5.08 45.22 -18.54
C SER B 530 4.49 45.27 -19.94
N ASP B 531 4.13 44.12 -20.52
CA ASP B 531 3.49 44.07 -21.84
C ASP B 531 2.12 43.43 -21.72
N ASN B 532 1.31 43.93 -20.78
CA ASN B 532 -0.08 43.51 -20.63
C ASN B 532 -0.20 42.03 -20.28
N MET B 533 0.83 41.49 -19.62
CA MET B 533 0.88 40.08 -19.20
C MET B 533 0.86 39.15 -20.42
N ARG B 534 1.56 39.57 -21.49
CA ARG B 534 1.73 38.75 -22.69
C ARG B 534 2.23 37.36 -22.34
N VAL B 535 1.65 36.33 -22.97
CA VAL B 535 2.12 34.96 -22.76
C VAL B 535 3.40 34.74 -23.59
N LEU B 536 4.54 34.64 -22.92
CA LEU B 536 5.82 34.37 -23.58
C LEU B 536 6.05 32.89 -23.88
N GLY B 537 5.54 32.01 -23.01
CA GLY B 537 5.74 30.58 -23.17
C GLY B 537 4.66 29.77 -22.48
N LEU B 538 4.25 28.65 -23.08
CA LEU B 538 3.23 27.74 -22.55
C LEU B 538 3.87 26.37 -22.44
N HIS B 539 3.62 25.67 -21.33
CA HIS B 539 4.25 24.37 -21.04
C HIS B 539 3.24 23.42 -20.41
N VAL B 540 3.15 22.17 -20.88
CA VAL B 540 2.23 21.20 -20.26
C VAL B 540 2.82 19.80 -20.28
N LEU B 541 2.78 19.13 -19.11
CA LEU B 541 3.18 17.72 -18.94
C LEU B 541 1.91 16.92 -18.66
N GLY B 542 1.52 16.03 -19.59
CA GLY B 542 0.30 15.25 -19.40
C GLY B 542 -0.06 14.41 -20.62
N PRO B 543 -1.13 13.62 -20.54
CA PRO B 543 -1.52 12.81 -21.72
C PRO B 543 -1.98 13.71 -22.85
N ASN B 544 -1.73 13.26 -24.09
CA ASN B 544 -2.20 13.94 -25.30
C ASN B 544 -1.65 15.37 -25.40
N ALA B 545 -0.40 15.57 -24.95
CA ALA B 545 0.13 16.94 -24.82
C ALA B 545 0.23 17.66 -26.16
N GLY B 546 0.46 16.93 -27.25
CA GLY B 546 0.50 17.58 -28.55
C GLY B 546 -0.87 18.07 -29.00
N GLU B 547 -1.91 17.27 -28.76
CA GLU B 547 -3.26 17.75 -29.08
C GLU B 547 -3.63 18.95 -28.20
N ILE B 548 -3.22 18.96 -26.92
CA ILE B 548 -3.52 20.08 -26.05
C ILE B 548 -2.84 21.35 -26.56
N THR B 549 -1.56 21.26 -26.91
CA THR B 549 -0.75 22.44 -27.19
C THR B 549 -1.09 23.10 -28.53
N GLN B 550 -1.45 22.31 -29.55
CA GLN B 550 -1.49 22.82 -30.93
C GLN B 550 -2.34 24.08 -31.07
N GLY B 551 -3.58 24.02 -30.57
CA GLY B 551 -4.49 25.14 -30.75
C GLY B 551 -4.00 26.43 -30.11
N TYR B 552 -3.33 26.33 -28.95
CA TYR B 552 -2.80 27.52 -28.30
C TYR B 552 -1.67 28.17 -29.10
N ALA B 553 -1.00 27.42 -29.98
CA ALA B 553 0.04 28.03 -30.82
C ALA B 553 -0.54 29.10 -31.74
N VAL B 554 -1.79 28.95 -32.19
CA VAL B 554 -2.42 30.01 -32.98
C VAL B 554 -2.59 31.27 -32.15
N ALA B 555 -3.08 31.12 -30.92
CA ALA B 555 -3.30 32.29 -30.06
C ALA B 555 -1.99 32.99 -29.72
N ILE B 556 -0.92 32.22 -29.45
CA ILE B 556 0.37 32.83 -29.15
C ILE B 556 0.93 33.54 -30.38
N LYS B 557 0.75 32.97 -31.58
CA LYS B 557 1.12 33.66 -32.81
C LYS B 557 0.43 35.03 -32.92
N MET B 558 -0.82 35.12 -32.46
CA MET B 558 -1.56 36.37 -32.49
C MET B 558 -1.32 37.27 -31.29
N GLY B 559 -0.42 36.89 -30.39
CA GLY B 559 -0.09 37.76 -29.26
C GLY B 559 -0.99 37.64 -28.04
N ALA B 560 -1.45 36.43 -27.72
CA ALA B 560 -2.32 36.24 -26.56
C ALA B 560 -1.70 36.76 -25.26
N THR B 561 -2.54 37.36 -24.42
CA THR B 561 -2.27 37.77 -23.04
C THR B 561 -2.97 36.83 -22.05
N LYS B 562 -2.62 36.95 -20.77
CA LYS B 562 -3.32 36.20 -19.73
C LYS B 562 -4.82 36.52 -19.72
N ALA B 563 -5.18 37.77 -19.98
CA ALA B 563 -6.60 38.13 -20.04
C ALA B 563 -7.31 37.38 -21.16
N ASP B 564 -6.64 37.11 -22.29
CA ASP B 564 -7.29 36.32 -23.32
C ASP B 564 -7.58 34.90 -22.84
N PHE B 565 -6.63 34.28 -22.10
CA PHE B 565 -6.91 32.96 -21.53
C PHE B 565 -8.04 33.02 -20.51
N ASP B 566 -8.08 34.09 -19.71
CA ASP B 566 -9.09 34.20 -18.65
C ASP B 566 -10.50 34.38 -19.21
N ARG B 567 -10.65 35.22 -20.25
CA ARG B 567 -11.99 35.46 -20.78
C ARG B 567 -12.53 34.29 -21.61
N THR B 568 -11.67 33.37 -22.05
CA THR B 568 -12.13 32.21 -22.83
C THR B 568 -12.64 31.16 -21.85
N ILE B 569 -13.76 30.48 -22.19
CA ILE B 569 -14.38 29.49 -21.29
C ILE B 569 -13.83 28.09 -21.57
N GLY B 570 -13.66 27.29 -20.50
CA GLY B 570 -13.16 25.94 -20.68
C GLY B 570 -14.21 24.96 -21.24
N ILE B 571 -13.71 23.86 -21.84
CA ILE B 571 -14.52 22.69 -22.20
C ILE B 571 -14.36 21.62 -21.13
N HIS B 572 -15.47 21.11 -20.58
CA HIS B 572 -15.42 20.21 -19.42
C HIS B 572 -16.09 18.86 -19.75
N PRO B 573 -15.49 17.72 -19.34
CA PRO B 573 -14.21 17.56 -18.64
C PRO B 573 -13.03 17.30 -19.59
N THR B 574 -11.97 18.12 -19.53
CA THR B 574 -10.75 17.93 -20.32
C THR B 574 -9.54 18.30 -19.49
N CYS B 575 -8.36 17.83 -19.94
CA CYS B 575 -7.12 18.31 -19.33
C CYS B 575 -6.87 19.76 -19.73
N SER B 576 -7.13 20.09 -21.01
CA SER B 576 -6.75 21.40 -21.54
C SER B 576 -7.44 22.56 -20.83
N GLU B 577 -8.67 22.36 -20.33
CA GLU B 577 -9.42 23.47 -19.76
C GLU B 577 -8.70 24.09 -18.56
N THR B 578 -7.77 23.36 -17.92
CA THR B 578 -7.05 23.91 -16.78
C THR B 578 -6.30 25.21 -17.15
N PHE B 579 -5.93 25.39 -18.42
CA PHE B 579 -5.30 26.65 -18.85
C PHE B 579 -6.24 27.86 -18.75
N THR B 580 -7.57 27.65 -18.73
CA THR B 580 -8.49 28.79 -18.76
C THR B 580 -8.79 29.39 -17.40
N THR B 581 -8.34 28.75 -16.31
CA THR B 581 -8.63 29.21 -14.95
C THR B 581 -7.38 29.30 -14.07
N LEU B 582 -6.17 29.38 -14.64
CA LEU B 582 -4.97 29.47 -13.81
C LEU B 582 -4.96 30.75 -12.96
N HIS B 583 -4.49 30.63 -11.71
CA HIS B 583 -4.49 31.80 -10.83
C HIS B 583 -3.34 31.83 -9.81
N VAL B 584 -2.76 30.68 -9.46
CA VAL B 584 -1.64 30.64 -8.50
C VAL B 584 -0.37 31.14 -9.20
N THR B 585 0.28 32.15 -8.61
CA THR B 585 1.57 32.61 -9.14
C THR B 585 2.74 31.97 -8.39
N LYS B 586 3.88 31.87 -9.08
CA LYS B 586 5.07 31.36 -8.39
C LYS B 586 5.53 32.33 -7.31
N LYS B 587 5.46 33.65 -7.58
CA LYS B 587 5.89 34.63 -6.58
C LYS B 587 5.06 34.56 -5.31
N SER B 588 3.79 34.16 -5.40
CA SER B 588 2.95 34.07 -4.20
C SER B 588 3.41 32.99 -3.24
N GLY B 589 4.13 31.98 -3.72
CA GLY B 589 4.52 30.88 -2.87
C GLY B 589 3.43 29.88 -2.53
N VAL B 590 2.21 30.04 -3.06
CA VAL B 590 1.10 29.14 -2.77
C VAL B 590 1.31 27.83 -3.54
N SER B 591 0.94 26.71 -2.92
CA SER B 591 1.17 25.40 -3.53
C SER B 591 0.35 25.26 -4.82
N PRO B 592 0.91 24.63 -5.86
CA PRO B 592 0.11 24.34 -7.07
C PRO B 592 -0.64 23.02 -7.05
N ILE B 593 -0.62 22.24 -5.96
CA ILE B 593 -1.26 20.91 -5.98
C ILE B 593 -2.78 21.06 -6.02
N VAL B 594 -3.45 19.97 -6.40
CA VAL B 594 -4.91 20.01 -6.58
C VAL B 594 -5.64 19.54 -5.33
#